data_3S6X
#
_entry.id   3S6X
#
_cell.length_a   87.150
_cell.length_b   333.180
_cell.length_c   58.490
_cell.angle_alpha   90.00
_cell.angle_beta   90.00
_cell.angle_gamma   90.00
#
_symmetry.space_group_name_H-M   'P 21 21 2'
#
loop_
_entity.id
_entity.type
_entity.pdbx_description
1 polymer 'Outer capsid protein sigma-1'
2 branched 'N-acetyl-alpha-neuraminic acid-(2-3)-beta-D-galactopyranose-(1-4)-beta-D-glucopyranose'
3 water water
#
_entity_poly.entity_id   1
_entity_poly.type   'polypeptide(L)'
_entity_poly.pdbx_seq_one_letter_code
;QIEDKIEEILSKIYHIENEIARIKKLIGEGSGRPVLNQGVTSAGAPLSIRNNRMTMGLNDGLTLSGNNLAIRLPGNTGLN
IQNGGLQFRFNTDQFQIVNNNLTLKTTVFDSINSRIGAIEQSYVASAVTPLRLNSSTKVLDMLIDSSTLEINSSGQLTVR
STSPNLRYPIADVSGGIGMSPNYRFRQSMWIGIVSYSGSGLNWRVQVNSDIFIVDDYIHICLPAFDGFSIADGGDLSLNF
VTGLLPPLLTGDTEPAFHNDVVTYGAQTVAIGLSSGGTPQYMSKNLWVEQWQDGVLRLRVEGGGSITHSNSKWPAMTVSY
PRSFT
;
_entity_poly.pdbx_strand_id   A,B,C
#
# COMPACT_ATOMS: atom_id res chain seq x y z
N LEU A 36 -23.31 -80.06 96.09
CA LEU A 36 -24.52 -79.35 95.70
C LEU A 36 -24.23 -77.88 95.38
N ASN A 37 -23.87 -77.61 94.13
CA ASN A 37 -23.60 -76.24 93.68
C ASN A 37 -24.04 -76.04 92.24
N GLN A 38 -24.75 -74.95 91.99
CA GLN A 38 -25.29 -74.65 90.67
C GLN A 38 -24.88 -73.25 90.19
N GLY A 39 -23.91 -72.67 90.88
CA GLY A 39 -23.44 -71.34 90.56
C GLY A 39 -22.29 -71.31 89.57
N VAL A 40 -21.66 -70.15 89.47
CA VAL A 40 -20.55 -69.96 88.56
C VAL A 40 -19.26 -69.93 89.39
N THR A 41 -18.37 -70.88 89.13
CA THR A 41 -17.10 -70.94 89.89
C THR A 41 -15.84 -70.62 89.06
N SER A 42 -16.01 -70.48 87.75
CA SER A 42 -14.92 -70.00 86.91
C SER A 42 -15.48 -69.39 85.65
N ALA A 43 -14.66 -68.58 84.98
CA ALA A 43 -15.11 -67.84 83.80
C ALA A 43 -13.99 -67.70 82.79
N GLY A 44 -14.33 -67.69 81.51
CA GLY A 44 -13.35 -67.46 80.47
C GLY A 44 -13.15 -65.99 80.16
N ALA A 45 -11.91 -65.62 79.83
CA ALA A 45 -11.62 -64.26 79.41
C ALA A 45 -12.63 -63.80 78.36
N PRO A 46 -13.00 -62.52 78.38
CA PRO A 46 -12.44 -61.44 79.21
C PRO A 46 -13.10 -61.31 80.58
N LEU A 47 -13.84 -62.34 80.99
CA LEU A 47 -14.43 -62.33 82.31
C LEU A 47 -13.42 -62.90 83.28
N SER A 48 -13.39 -62.35 84.49
CA SER A 48 -12.61 -62.92 85.57
C SER A 48 -13.32 -62.74 86.90
N ILE A 49 -13.06 -63.68 87.81
CA ILE A 49 -13.70 -63.72 89.11
C ILE A 49 -12.69 -63.57 90.25
N ARG A 50 -13.02 -62.70 91.19
CA ARG A 50 -12.23 -62.51 92.40
C ARG A 50 -13.20 -62.31 93.57
N ASN A 51 -13.10 -63.15 94.60
CA ASN A 51 -13.97 -63.05 95.77
C ASN A 51 -15.47 -62.97 95.43
N ASN A 52 -15.95 -63.90 94.60
CA ASN A 52 -17.36 -63.98 94.26
C ASN A 52 -17.86 -62.79 93.44
N ARG A 53 -16.92 -61.97 92.94
CA ARG A 53 -17.29 -60.85 92.09
C ARG A 53 -16.69 -60.93 90.68
N MET A 54 -17.55 -60.83 89.68
CA MET A 54 -17.11 -60.91 88.30
C MET A 54 -16.86 -59.55 87.65
N THR A 55 -15.73 -59.43 86.95
CA THR A 55 -15.47 -58.24 86.15
C THR A 55 -15.01 -58.62 84.75
N MET A 56 -14.91 -57.61 83.90
CA MET A 56 -14.60 -57.80 82.50
C MET A 56 -13.45 -56.88 82.15
N GLY A 57 -12.42 -57.43 81.52
CA GLY A 57 -11.26 -56.66 81.10
C GLY A 57 -11.47 -56.06 79.72
N LEU A 58 -11.11 -54.78 79.56
CA LEU A 58 -11.31 -54.08 78.30
C LEU A 58 -10.04 -53.37 77.84
N ASN A 59 -9.68 -53.59 76.57
CA ASN A 59 -8.64 -52.81 75.90
C ASN A 59 -9.15 -51.45 75.46
N ASP A 60 -8.23 -50.55 75.14
CA ASP A 60 -8.60 -49.31 74.48
C ASP A 60 -9.44 -49.62 73.25
N GLY A 61 -10.50 -48.86 73.06
CA GLY A 61 -11.41 -49.10 71.96
C GLY A 61 -12.77 -49.52 72.49
N LEU A 62 -12.76 -50.14 73.66
CA LEU A 62 -13.99 -50.52 74.34
C LEU A 62 -14.02 -49.86 75.71
N THR A 63 -15.18 -49.37 76.11
CA THR A 63 -15.24 -48.53 77.28
C THR A 63 -16.59 -48.68 77.99
N LEU A 64 -16.68 -48.19 79.21
CA LEU A 64 -17.94 -48.16 79.94
C LEU A 64 -18.67 -46.85 79.68
N SER A 65 -19.90 -46.97 79.20
CA SER A 65 -20.76 -45.80 79.02
C SER A 65 -21.94 -45.98 79.94
N GLY A 66 -21.98 -45.22 81.03
CA GLY A 66 -22.99 -45.45 82.06
C GLY A 66 -22.85 -46.88 82.56
N ASN A 67 -23.91 -47.68 82.43
CA ASN A 67 -23.83 -49.07 82.85
C ASN A 67 -23.44 -50.00 81.70
N ASN A 68 -23.23 -49.44 80.52
CA ASN A 68 -23.14 -50.23 79.30
C ASN A 68 -21.73 -50.34 78.71
N LEU A 69 -21.48 -51.42 77.98
CA LEU A 69 -20.28 -51.53 77.15
C LEU A 69 -20.45 -50.72 75.86
N ALA A 70 -19.45 -49.91 75.52
CA ALA A 70 -19.53 -49.06 74.35
C ALA A 70 -18.24 -49.07 73.54
N ILE A 71 -18.35 -48.80 72.25
CA ILE A 71 -17.17 -48.56 71.43
C ILE A 71 -16.70 -47.12 71.67
N ARG A 72 -15.43 -46.97 72.07
CA ARG A 72 -14.85 -45.65 72.27
C ARG A 72 -14.26 -45.04 70.98
N LEU A 73 -14.70 -43.82 70.66
CA LEU A 73 -14.24 -43.13 69.45
C LEU A 73 -13.69 -41.76 69.81
N PRO A 74 -12.42 -41.69 70.24
CA PRO A 74 -11.87 -40.40 70.67
C PRO A 74 -11.85 -39.40 69.53
N GLY A 75 -11.97 -38.12 69.85
CA GLY A 75 -11.89 -37.05 68.87
C GLY A 75 -12.97 -37.11 67.80
N ASN A 76 -12.64 -36.57 66.64
CA ASN A 76 -13.51 -36.64 65.45
C ASN A 76 -12.70 -37.07 64.24
N THR A 77 -12.76 -38.33 63.88
CA THR A 77 -11.99 -38.85 62.76
C THR A 77 -12.88 -39.48 61.70
N GLY A 78 -14.17 -39.15 61.73
CA GLY A 78 -15.10 -39.62 60.71
C GLY A 78 -15.92 -40.83 61.14
N LEU A 79 -15.61 -41.36 62.32
CA LEU A 79 -16.40 -42.46 62.86
C LEU A 79 -17.42 -41.91 63.86
N ASN A 80 -18.59 -42.54 63.91
CA ASN A 80 -19.63 -42.11 64.82
C ASN A 80 -20.62 -43.24 65.11
N ILE A 81 -21.15 -43.24 66.34
CA ILE A 81 -22.30 -44.08 66.65
C ILE A 81 -23.56 -43.35 66.23
N GLN A 82 -24.25 -43.89 65.23
CA GLN A 82 -25.45 -43.26 64.70
C GLN A 82 -26.26 -44.30 63.94
N ASN A 83 -27.54 -44.02 63.74
CA ASN A 83 -28.40 -44.93 63.00
C ASN A 83 -28.35 -46.36 63.53
N GLY A 84 -28.10 -46.49 64.84
CA GLY A 84 -28.12 -47.78 65.50
C GLY A 84 -26.80 -48.51 65.61
N GLY A 85 -25.72 -47.92 65.11
CA GLY A 85 -24.44 -48.58 65.16
C GLY A 85 -23.26 -47.73 64.72
N LEU A 86 -22.16 -48.40 64.41
CA LEU A 86 -20.93 -47.72 64.01
C LEU A 86 -21.00 -47.42 62.53
N GLN A 87 -20.78 -46.16 62.17
CA GLN A 87 -20.77 -45.75 60.77
C GLN A 87 -19.60 -44.81 60.49
N PHE A 88 -19.22 -44.73 59.22
CA PHE A 88 -18.23 -43.77 58.76
C PHE A 88 -18.93 -42.58 58.09
N ARG A 89 -18.42 -41.37 58.32
CA ARG A 89 -19.03 -40.16 57.76
C ARG A 89 -18.12 -39.46 56.74
N PHE A 90 -18.70 -39.07 55.62
CA PHE A 90 -17.95 -38.44 54.54
C PHE A 90 -18.76 -37.32 53.89
N ASN A 91 -18.08 -36.26 53.47
CA ASN A 91 -18.71 -35.20 52.70
C ASN A 91 -19.44 -35.78 51.49
N THR A 92 -20.73 -35.49 51.37
CA THR A 92 -21.55 -36.10 50.33
C THR A 92 -21.43 -35.42 48.97
N ASP A 93 -20.70 -34.31 48.92
CA ASP A 93 -20.45 -33.62 47.67
C ASP A 93 -19.14 -34.08 47.05
N GLN A 94 -18.31 -34.76 47.84
CA GLN A 94 -17.00 -35.17 47.38
C GLN A 94 -16.86 -36.69 47.34
N PHE A 95 -17.61 -37.36 48.21
CA PHE A 95 -17.51 -38.81 48.33
C PHE A 95 -18.86 -39.51 48.16
N GLN A 96 -18.79 -40.80 47.86
CA GLN A 96 -19.97 -41.66 47.83
C GLN A 96 -19.53 -43.09 48.11
N ILE A 97 -20.48 -43.96 48.45
CA ILE A 97 -20.20 -45.35 48.72
C ILE A 97 -20.73 -46.23 47.59
N VAL A 98 -19.86 -47.02 46.98
CA VAL A 98 -20.23 -47.88 45.87
C VAL A 98 -19.80 -49.30 46.20
N ASN A 99 -20.74 -50.24 46.22
CA ASN A 99 -20.47 -51.59 46.71
C ASN A 99 -19.74 -51.54 48.05
N ASN A 100 -20.25 -50.69 48.95
CA ASN A 100 -19.65 -50.51 50.27
C ASN A 100 -18.17 -50.12 50.23
N ASN A 101 -17.76 -49.45 49.16
CA ASN A 101 -16.41 -48.92 49.06
C ASN A 101 -16.44 -47.40 49.05
N LEU A 102 -15.48 -46.77 49.72
CA LEU A 102 -15.35 -45.32 49.65
C LEU A 102 -14.91 -44.93 48.24
N THR A 103 -15.69 -44.07 47.59
CA THR A 103 -15.42 -43.68 46.20
C THR A 103 -15.57 -42.17 46.00
N LEU A 104 -14.70 -41.59 45.18
CA LEU A 104 -14.78 -40.18 44.85
C LEU A 104 -16.03 -39.90 44.03
N LYS A 105 -16.74 -38.82 44.35
CA LYS A 105 -17.81 -38.37 43.47
C LYS A 105 -17.20 -37.85 42.16
N THR A 106 -17.72 -38.37 41.05
CA THR A 106 -17.20 -38.00 39.73
C THR A 106 -17.34 -36.50 39.47
N THR A 107 -18.23 -35.86 40.23
CA THR A 107 -18.51 -34.44 40.06
C THR A 107 -17.43 -33.54 40.64
N VAL A 108 -16.70 -34.04 41.63
CA VAL A 108 -15.65 -33.26 42.28
C VAL A 108 -14.58 -32.82 41.27
N PHE A 109 -14.64 -33.39 40.07
CA PHE A 109 -13.68 -33.07 39.02
C PHE A 109 -14.29 -32.20 37.92
N ASP A 110 -15.62 -32.20 37.84
CA ASP A 110 -16.33 -31.52 36.77
C ASP A 110 -15.87 -30.08 36.53
N SER A 111 -15.75 -29.31 37.60
CA SER A 111 -15.29 -27.93 37.51
C SER A 111 -13.97 -27.84 36.75
N ILE A 112 -13.05 -28.75 37.05
CA ILE A 112 -11.75 -28.80 36.41
C ILE A 112 -11.87 -29.17 34.94
N ASN A 113 -12.38 -30.36 34.68
CA ASN A 113 -12.52 -30.84 33.30
C ASN A 113 -13.31 -29.87 32.44
N SER A 114 -14.20 -29.13 33.08
CA SER A 114 -14.99 -28.12 32.39
C SER A 114 -14.09 -27.00 31.88
N ARG A 115 -13.19 -26.53 32.75
CA ARG A 115 -12.28 -25.45 32.41
C ARG A 115 -11.24 -25.88 31.37
N ILE A 116 -10.78 -27.12 31.48
CA ILE A 116 -9.79 -27.64 30.55
C ILE A 116 -10.40 -27.90 29.17
N GLY A 117 -11.63 -28.39 29.15
CA GLY A 117 -12.33 -28.65 27.90
C GLY A 117 -12.66 -27.35 27.18
N ALA A 118 -12.81 -26.29 27.96
CA ALA A 118 -13.11 -24.97 27.40
C ALA A 118 -11.92 -24.44 26.60
N ILE A 119 -10.72 -24.68 27.11
CA ILE A 119 -9.50 -24.25 26.45
C ILE A 119 -9.18 -25.15 25.27
N GLU A 120 -9.23 -26.47 25.48
CA GLU A 120 -8.91 -27.44 24.44
C GLU A 120 -9.71 -27.23 23.17
N GLN A 121 -11.02 -27.09 23.31
CA GLN A 121 -11.92 -26.99 22.17
C GLN A 121 -11.45 -25.95 21.14
N SER A 122 -10.78 -24.91 21.61
CA SER A 122 -10.32 -23.85 20.72
C SER A 122 -9.16 -23.04 21.31
N TYR A 123 -7.94 -23.38 20.94
CA TYR A 123 -6.78 -22.59 21.30
C TYR A 123 -5.66 -22.71 20.27
N VAL A 124 -4.75 -21.74 20.26
CA VAL A 124 -3.64 -21.77 19.31
C VAL A 124 -2.44 -22.51 19.90
N ALA A 125 -1.99 -23.54 19.20
CA ALA A 125 -0.86 -24.34 19.65
C ALA A 125 0.34 -24.18 18.70
N SER A 126 0.05 -23.97 17.42
CA SER A 126 1.09 -23.78 16.42
C SER A 126 0.77 -22.59 15.50
N ALA A 127 1.81 -21.97 14.96
CA ALA A 127 1.66 -20.84 14.06
C ALA A 127 2.44 -21.06 12.77
N VAL A 128 1.84 -20.68 11.65
CA VAL A 128 2.47 -20.83 10.34
C VAL A 128 3.08 -19.51 9.86
N THR A 129 4.27 -19.59 9.26
CA THR A 129 4.91 -18.39 8.72
C THR A 129 3.95 -17.60 7.83
N PRO A 130 4.02 -16.26 7.90
CA PRO A 130 4.99 -15.48 8.67
C PRO A 130 4.76 -15.48 10.18
N LEU A 131 3.68 -16.10 10.64
CA LEU A 131 3.43 -16.21 12.08
C LEU A 131 4.46 -17.14 12.72
N ARG A 132 5.02 -16.72 13.85
CA ARG A 132 6.00 -17.52 14.56
C ARG A 132 5.67 -17.61 16.06
N LEU A 133 5.62 -18.83 16.57
CA LEU A 133 5.30 -19.05 17.98
C LEU A 133 6.43 -19.71 18.75
N ASN A 134 7.02 -18.96 19.67
CA ASN A 134 8.01 -19.52 20.60
C ASN A 134 7.30 -20.31 21.69
N SER A 135 7.39 -21.64 21.64
CA SER A 135 6.66 -22.51 22.55
C SER A 135 7.12 -22.41 24.01
N SER A 136 8.18 -21.65 24.26
CA SER A 136 8.70 -21.48 25.61
C SER A 136 8.12 -20.24 26.29
N THR A 137 8.47 -19.07 25.77
CA THR A 137 7.95 -17.81 26.29
C THR A 137 6.51 -17.60 25.87
N LYS A 138 6.04 -18.46 24.97
CA LYS A 138 4.66 -18.43 24.49
C LYS A 138 4.30 -17.08 23.90
N VAL A 139 5.26 -16.46 23.23
CA VAL A 139 5.05 -15.18 22.57
C VAL A 139 4.80 -15.38 21.08
N LEU A 140 3.79 -14.68 20.55
CA LEU A 140 3.47 -14.76 19.13
C LEU A 140 3.91 -13.48 18.43
N ASP A 141 4.71 -13.64 17.38
CA ASP A 141 5.10 -12.51 16.53
C ASP A 141 5.00 -12.90 15.07
N MET A 142 5.25 -11.95 14.17
CA MET A 142 5.23 -12.25 12.74
C MET A 142 6.47 -11.73 12.03
N LEU A 143 6.98 -12.54 11.10
CA LEU A 143 8.16 -12.19 10.32
C LEU A 143 7.79 -11.25 9.18
N ILE A 144 8.52 -10.15 9.06
CA ILE A 144 8.30 -9.21 7.95
C ILE A 144 9.62 -8.73 7.33
N ASP A 145 9.58 -8.47 6.03
CA ASP A 145 10.73 -7.89 5.32
C ASP A 145 10.82 -6.41 5.63
N SER A 146 11.93 -6.01 6.25
CA SER A 146 12.10 -4.62 6.69
C SER A 146 12.24 -3.61 5.55
N SER A 147 12.53 -4.11 4.34
CA SER A 147 12.70 -3.21 3.20
C SER A 147 11.37 -2.87 2.53
N THR A 148 10.37 -3.73 2.75
CA THR A 148 9.07 -3.53 2.10
C THR A 148 7.97 -3.15 3.11
N LEU A 149 8.09 -3.67 4.33
CA LEU A 149 7.10 -3.41 5.38
C LEU A 149 7.76 -2.89 6.65
N GLU A 150 7.00 -2.16 7.45
CA GLU A 150 7.52 -1.64 8.71
C GLU A 150 6.42 -1.53 9.76
N ILE A 151 6.81 -1.14 10.98
CA ILE A 151 5.85 -0.99 12.06
C ILE A 151 5.58 0.47 12.41
N ASN A 152 4.33 0.89 12.21
CA ASN A 152 3.92 2.24 12.54
C ASN A 152 4.10 2.56 14.01
N SER A 153 4.27 3.84 14.33
CA SER A 153 4.45 4.27 15.72
C SER A 153 3.27 3.80 16.58
N SER A 154 2.11 3.66 15.95
CA SER A 154 0.92 3.17 16.65
C SER A 154 0.82 1.65 16.55
N GLY A 155 1.94 0.99 16.26
CA GLY A 155 2.00 -0.46 16.23
C GLY A 155 1.37 -1.11 15.02
N GLN A 156 0.89 -0.29 14.08
CA GLN A 156 0.21 -0.80 12.90
C GLN A 156 1.20 -1.24 11.82
N LEU A 157 0.83 -2.26 11.06
CA LEU A 157 1.64 -2.71 9.94
C LEU A 157 1.39 -1.79 8.75
N THR A 158 2.45 -1.16 8.26
CA THR A 158 2.35 -0.25 7.12
C THR A 158 3.36 -0.60 6.04
N VAL A 159 2.95 -0.47 4.78
CA VAL A 159 3.86 -0.69 3.66
C VAL A 159 4.90 0.44 3.61
N ARG A 160 6.17 0.06 3.59
CA ARG A 160 7.25 1.04 3.59
C ARG A 160 7.16 1.91 2.34
N SER A 161 6.88 3.19 2.54
CA SER A 161 6.75 4.13 1.43
C SER A 161 8.07 4.28 0.66
N THR A 162 7.98 4.29 -0.66
CA THR A 162 9.18 4.37 -1.49
C THR A 162 9.09 5.51 -2.51
N SER A 163 10.20 6.22 -2.68
CA SER A 163 10.28 7.23 -3.73
C SER A 163 10.40 6.57 -5.10
N PRO A 164 9.62 7.07 -6.07
CA PRO A 164 9.61 6.56 -7.44
C PRO A 164 10.96 6.81 -8.12
N ASN A 165 11.36 5.87 -8.96
CA ASN A 165 12.58 6.01 -9.76
C ASN A 165 12.29 6.79 -11.06
N LEU A 166 12.70 8.05 -11.12
CA LEU A 166 12.36 8.93 -12.26
C LEU A 166 13.54 9.29 -13.16
N ARG A 167 13.24 9.50 -14.44
CA ARG A 167 14.26 9.90 -15.39
C ARG A 167 13.89 11.23 -16.05
N TYR A 168 14.76 12.23 -15.90
CA TYR A 168 14.59 13.51 -16.56
C TYR A 168 14.18 13.29 -18.02
N PRO A 169 13.23 14.09 -18.53
CA PRO A 169 12.59 15.27 -17.92
C PRO A 169 11.50 14.98 -16.88
N ILE A 170 11.21 13.72 -16.61
CA ILE A 170 10.30 13.40 -15.51
C ILE A 170 11.08 13.58 -14.22
N ALA A 171 10.49 14.23 -13.24
CA ALA A 171 11.22 14.53 -12.01
C ALA A 171 10.27 14.81 -10.86
N ASP A 172 10.83 14.87 -9.65
CA ASP A 172 10.00 15.21 -8.50
C ASP A 172 9.64 16.69 -8.53
N VAL A 173 8.35 16.97 -8.60
CA VAL A 173 7.87 18.35 -8.55
C VAL A 173 7.03 18.56 -7.29
N SER A 174 7.56 19.38 -6.38
CA SER A 174 6.91 19.63 -5.10
C SER A 174 6.24 18.39 -4.51
N GLY A 175 6.93 17.26 -4.58
CA GLY A 175 6.49 16.07 -3.87
C GLY A 175 5.83 14.99 -4.71
N GLY A 176 5.53 15.32 -5.97
CA GLY A 176 4.85 14.36 -6.83
C GLY A 176 5.61 14.09 -8.12
N ILE A 177 5.14 13.12 -8.88
CA ILE A 177 5.73 12.84 -10.18
C ILE A 177 5.28 13.87 -11.19
N GLY A 178 6.18 14.76 -11.57
CA GLY A 178 5.84 15.83 -12.49
C GLY A 178 6.84 15.99 -13.63
N MET A 179 6.77 17.14 -14.30
CA MET A 179 7.67 17.42 -15.41
C MET A 179 8.64 18.51 -14.98
N SER A 180 9.94 18.22 -15.06
CA SER A 180 10.97 19.14 -14.63
C SER A 180 10.82 20.52 -15.27
N PRO A 181 10.74 21.57 -14.44
CA PRO A 181 10.63 22.96 -14.94
C PRO A 181 11.77 23.31 -15.89
N ASN A 182 12.96 22.79 -15.62
CA ASN A 182 14.10 23.11 -16.46
C ASN A 182 13.91 22.61 -17.90
N TYR A 183 13.18 21.51 -18.05
CA TYR A 183 12.85 20.97 -19.36
C TYR A 183 11.82 21.86 -20.07
N ARG A 184 10.89 22.39 -19.30
CA ARG A 184 9.77 23.14 -19.87
C ARG A 184 10.20 24.53 -20.33
N PHE A 185 11.23 25.07 -19.70
CA PHE A 185 11.77 26.35 -20.12
C PHE A 185 13.15 26.62 -19.52
N ARG A 186 14.12 26.90 -20.39
CA ARG A 186 15.46 27.24 -19.95
C ARG A 186 15.97 28.38 -20.83
N GLN A 187 16.51 29.41 -20.19
CA GLN A 187 16.98 30.57 -20.92
C GLN A 187 18.48 30.71 -20.79
N SER A 188 19.11 31.12 -21.90
CA SER A 188 20.54 31.38 -21.91
C SER A 188 20.86 32.46 -22.95
N MET A 189 22.12 32.55 -23.34
CA MET A 189 22.57 33.64 -24.19
C MET A 189 23.81 33.24 -24.96
N TRP A 190 23.93 33.75 -26.18
CA TRP A 190 25.11 33.53 -27.00
C TRP A 190 25.63 34.86 -27.49
N ILE A 191 26.87 35.14 -27.16
CA ILE A 191 27.55 36.33 -27.61
C ILE A 191 28.73 35.83 -28.43
N GLY A 192 28.60 35.84 -29.75
CA GLY A 192 29.60 35.24 -30.61
C GLY A 192 29.55 35.69 -32.04
N ILE A 193 30.23 34.95 -32.90
CA ILE A 193 30.50 35.40 -34.25
C ILE A 193 29.67 34.64 -35.27
N VAL A 194 28.94 35.38 -36.10
CA VAL A 194 28.27 34.83 -37.28
C VAL A 194 29.19 35.05 -38.51
N SER A 195 29.43 34.00 -39.28
CA SER A 195 30.28 34.08 -40.46
C SER A 195 29.48 33.82 -41.73
N TYR A 196 29.68 34.67 -42.73
CA TYR A 196 29.07 34.44 -44.02
C TYR A 196 30.11 33.94 -45.01
N SER A 197 29.71 33.01 -45.87
CA SER A 197 30.60 32.55 -46.92
C SER A 197 29.77 32.18 -48.13
N GLY A 198 30.06 32.79 -49.27
CA GLY A 198 29.43 32.41 -50.52
C GLY A 198 30.20 32.82 -51.74
N SER A 199 30.43 31.87 -52.64
CA SER A 199 31.13 32.15 -53.88
C SER A 199 32.31 33.09 -53.68
N GLY A 200 33.14 32.79 -52.69
CA GLY A 200 34.38 33.54 -52.47
C GLY A 200 34.21 34.78 -51.59
N LEU A 201 32.97 35.12 -51.29
CA LEU A 201 32.69 36.23 -50.40
C LEU A 201 32.71 35.75 -48.93
N ASN A 202 33.42 36.49 -48.09
CA ASN A 202 33.59 36.11 -46.70
C ASN A 202 33.59 37.33 -45.79
N TRP A 203 32.86 37.26 -44.68
CA TRP A 203 32.90 38.31 -43.65
C TRP A 203 32.25 37.80 -42.37
N ARG A 204 32.53 38.47 -41.27
CA ARG A 204 32.03 38.05 -39.96
C ARG A 204 31.39 39.22 -39.24
N VAL A 205 30.44 38.91 -38.37
N VAL A 205 30.41 38.92 -38.40
CA VAL A 205 29.78 39.92 -37.54
CA VAL A 205 29.81 39.92 -37.53
C VAL A 205 29.53 39.36 -36.15
C VAL A 205 29.61 39.34 -36.14
N GLN A 206 29.67 40.20 -35.13
CA GLN A 206 29.34 39.78 -33.76
C GLN A 206 27.89 40.08 -33.40
N VAL A 207 27.19 39.11 -32.82
CA VAL A 207 25.84 39.31 -32.32
C VAL A 207 25.71 38.92 -30.86
N ASN A 208 24.77 39.58 -30.18
CA ASN A 208 24.32 39.19 -28.85
C ASN A 208 22.92 38.56 -28.99
N SER A 209 22.81 37.30 -28.60
CA SER A 209 21.60 36.54 -28.90
C SER A 209 21.04 35.86 -27.66
N ASP A 210 19.73 35.97 -27.45
CA ASP A 210 19.07 35.17 -26.41
C ASP A 210 18.91 33.75 -26.95
N ILE A 211 19.04 32.77 -26.08
CA ILE A 211 18.74 31.39 -26.42
C ILE A 211 17.63 30.87 -25.49
N PHE A 212 16.63 30.22 -26.08
CA PHE A 212 15.55 29.66 -25.29
C PHE A 212 15.44 28.19 -25.64
N ILE A 213 15.46 27.36 -24.61
CA ILE A 213 15.24 25.94 -24.81
C ILE A 213 13.91 25.57 -24.17
N VAL A 214 13.04 24.98 -24.96
CA VAL A 214 11.68 24.70 -24.53
C VAL A 214 11.29 23.32 -24.99
N ASP A 215 11.00 22.45 -24.04
CA ASP A 215 10.79 21.04 -24.34
C ASP A 215 11.95 20.60 -25.21
N ASP A 216 11.67 19.86 -26.26
CA ASP A 216 12.74 19.29 -27.06
C ASP A 216 13.26 20.19 -28.21
N TYR A 217 13.07 21.50 -28.09
CA TYR A 217 13.52 22.43 -29.13
C TYR A 217 14.49 23.44 -28.55
N ILE A 218 15.42 23.91 -29.36
CA ILE A 218 16.21 25.08 -28.99
C ILE A 218 15.87 26.22 -29.96
N HIS A 219 15.78 27.44 -29.44
CA HIS A 219 15.53 28.62 -30.27
C HIS A 219 16.67 29.60 -30.09
N ILE A 220 17.31 29.97 -31.20
CA ILE A 220 18.39 30.95 -31.16
C ILE A 220 17.87 32.25 -31.76
N CYS A 221 17.70 33.27 -30.92
CA CYS A 221 17.09 34.51 -31.37
C CYS A 221 18.09 35.57 -31.82
N LEU A 222 18.55 35.42 -33.05
CA LEU A 222 19.52 36.37 -33.62
C LEU A 222 18.89 37.75 -33.75
N PRO A 223 19.65 38.78 -33.40
CA PRO A 223 19.17 40.16 -33.56
C PRO A 223 19.49 40.67 -34.96
N ALA A 224 18.91 41.80 -35.37
CA ALA A 224 19.24 42.37 -36.69
C ALA A 224 20.71 42.76 -36.73
N PHE A 225 21.34 42.66 -37.90
CA PHE A 225 22.75 43.04 -38.01
C PHE A 225 23.12 43.46 -39.43
N ASP A 226 24.25 44.15 -39.57
CA ASP A 226 24.74 44.56 -40.88
C ASP A 226 25.91 43.71 -41.30
N GLY A 227 26.01 43.47 -42.60
CA GLY A 227 27.09 42.68 -43.15
C GLY A 227 27.60 43.33 -44.42
N PHE A 228 28.24 42.53 -45.25
CA PHE A 228 28.79 43.06 -46.48
C PHE A 228 28.20 42.31 -47.65
N SER A 229 28.92 42.22 -48.75
CA SER A 229 28.34 41.60 -49.94
C SER A 229 27.97 40.14 -49.69
N ILE A 230 26.86 39.70 -50.29
CA ILE A 230 26.47 38.29 -50.27
C ILE A 230 26.31 37.76 -51.70
N ALA A 231 26.46 36.44 -51.88
CA ALA A 231 26.29 35.81 -53.17
C ALA A 231 24.82 35.44 -53.32
N ASP A 232 24.45 34.95 -54.48
CA ASP A 232 23.09 34.45 -54.67
C ASP A 232 22.81 33.35 -53.67
N GLY A 233 23.74 32.41 -53.57
CA GLY A 233 23.66 31.32 -52.61
C GLY A 233 24.87 31.33 -51.70
N GLY A 234 24.67 31.01 -50.43
CA GLY A 234 25.75 31.00 -49.46
C GLY A 234 25.30 30.45 -48.13
N ASP A 235 26.20 30.45 -47.15
CA ASP A 235 25.94 29.85 -45.85
C ASP A 235 26.24 30.88 -44.78
N LEU A 236 25.50 30.81 -43.70
CA LEU A 236 25.74 31.64 -42.53
C LEU A 236 26.10 30.68 -41.41
N SER A 237 27.22 30.91 -40.73
CA SER A 237 27.69 29.98 -39.71
C SER A 237 27.68 30.58 -38.33
N LEU A 238 27.05 29.88 -37.39
CA LEU A 238 27.02 30.29 -36.00
C LEU A 238 28.04 29.50 -35.20
N ASN A 239 29.08 30.18 -34.72
CA ASN A 239 30.13 29.50 -33.97
C ASN A 239 29.81 29.39 -32.48
N PHE A 240 29.21 28.27 -32.09
CA PHE A 240 28.86 28.02 -30.71
C PHE A 240 30.02 27.48 -29.87
N VAL A 241 31.18 27.26 -30.50
CA VAL A 241 32.34 26.73 -29.75
C VAL A 241 32.77 27.69 -28.64
N THR A 242 32.52 28.99 -28.84
CA THR A 242 32.71 29.97 -27.77
C THR A 242 31.50 30.92 -27.70
N GLY A 243 31.36 31.63 -26.59
CA GLY A 243 30.31 32.63 -26.44
C GLY A 243 29.04 32.24 -25.70
N LEU A 244 28.82 30.95 -25.50
CA LEU A 244 27.65 30.51 -24.74
C LEU A 244 27.83 30.86 -23.26
N LEU A 245 26.78 31.41 -22.65
CA LEU A 245 26.82 31.74 -21.23
C LEU A 245 26.76 30.49 -20.36
N PRO A 246 27.73 30.33 -19.46
CA PRO A 246 27.63 29.21 -18.50
C PRO A 246 26.24 29.21 -17.85
N PRO A 247 25.69 28.03 -17.56
CA PRO A 247 26.34 26.73 -17.68
C PRO A 247 25.97 26.01 -18.98
N LEU A 248 25.44 26.74 -19.96
CA LEU A 248 25.15 26.13 -21.25
C LEU A 248 26.49 25.84 -21.92
N LEU A 249 26.56 24.73 -22.65
CA LEU A 249 27.81 24.31 -23.31
C LEU A 249 27.60 24.08 -24.80
N THR A 250 28.69 24.03 -25.55
CA THR A 250 28.60 23.82 -26.99
C THR A 250 27.68 22.63 -27.34
N GLY A 251 27.87 21.51 -26.66
CA GLY A 251 27.07 20.32 -26.89
C GLY A 251 25.56 20.49 -26.71
N ASP A 252 25.14 21.52 -26.00
CA ASP A 252 23.71 21.79 -25.79
C ASP A 252 23.03 22.34 -27.03
N THR A 253 23.81 22.70 -28.05
CA THR A 253 23.23 23.26 -29.26
C THR A 253 23.15 22.23 -30.37
N GLU A 254 23.57 21.00 -30.09
CA GLU A 254 23.52 19.94 -31.10
C GLU A 254 22.08 19.54 -31.39
N PRO A 255 21.72 19.42 -32.68
CA PRO A 255 20.38 19.02 -33.11
C PRO A 255 20.14 17.55 -32.88
N ALA A 256 18.87 17.17 -32.72
CA ALA A 256 18.54 15.76 -32.52
C ALA A 256 18.85 14.93 -33.76
N PHE A 257 18.99 15.59 -34.91
CA PHE A 257 19.45 14.90 -36.10
C PHE A 257 20.98 14.99 -36.21
N HIS A 258 21.61 15.36 -35.10
CA HIS A 258 23.07 15.38 -35.00
C HIS A 258 23.75 16.16 -36.14
N ASN A 259 24.65 15.53 -36.87
CA ASN A 259 25.31 16.25 -37.95
C ASN A 259 24.81 15.90 -39.35
N ASP A 260 23.59 15.40 -39.44
CA ASP A 260 22.96 15.19 -40.74
C ASP A 260 22.75 16.52 -41.46
N VAL A 261 22.91 16.48 -42.78
CA VAL A 261 22.51 17.62 -43.61
C VAL A 261 20.99 17.59 -43.80
N VAL A 262 20.33 18.68 -43.46
CA VAL A 262 18.87 18.75 -43.55
C VAL A 262 18.43 20.03 -44.27
N THR A 263 17.13 20.13 -44.51
CA THR A 263 16.55 21.36 -45.04
C THR A 263 15.46 21.79 -44.05
N TYR A 264 15.88 22.12 -42.82
CA TYR A 264 14.96 22.25 -41.69
C TYR A 264 14.62 23.70 -41.33
N GLY A 265 13.34 23.97 -41.08
CA GLY A 265 12.91 25.28 -40.66
C GLY A 265 12.98 26.32 -41.78
N ALA A 266 12.75 25.86 -43.01
CA ALA A 266 12.93 26.74 -44.16
C ALA A 266 11.94 27.91 -44.11
N GLN A 267 12.43 29.10 -44.44
CA GLN A 267 11.63 30.31 -44.32
C GLN A 267 12.13 31.41 -45.25
N THR A 268 11.33 32.49 -45.35
CA THR A 268 11.73 33.68 -46.10
C THR A 268 12.42 34.65 -45.19
N VAL A 269 13.54 35.21 -45.65
CA VAL A 269 14.12 36.37 -44.98
C VAL A 269 14.46 37.49 -45.94
N ALA A 270 14.08 38.71 -45.57
CA ALA A 270 14.26 39.85 -46.43
C ALA A 270 15.55 40.58 -46.05
N ILE A 271 16.48 40.66 -47.01
CA ILE A 271 17.77 41.28 -46.74
C ILE A 271 17.94 42.51 -47.60
N GLY A 272 18.30 43.63 -46.97
CA GLY A 272 18.47 44.87 -47.71
C GLY A 272 19.89 45.02 -48.27
N LEU A 273 20.00 45.07 -49.59
CA LEU A 273 21.29 45.23 -50.27
C LEU A 273 21.46 46.65 -50.77
N SER A 274 22.63 47.23 -50.55
CA SER A 274 22.86 48.59 -51.01
C SER A 274 24.33 48.84 -51.29
N SER A 275 24.59 50.04 -51.80
CA SER A 275 25.94 50.52 -51.99
C SER A 275 26.05 51.93 -51.45
N GLY A 276 25.52 52.15 -50.25
CA GLY A 276 25.61 53.45 -49.61
C GLY A 276 24.40 54.32 -49.84
N GLY A 277 23.38 53.76 -50.47
CA GLY A 277 22.12 54.47 -50.65
C GLY A 277 20.97 53.67 -50.08
N THR A 278 19.76 54.01 -50.51
CA THR A 278 18.57 53.28 -50.12
C THR A 278 18.73 51.82 -50.52
N PRO A 279 18.53 50.90 -49.56
CA PRO A 279 18.71 49.48 -49.88
C PRO A 279 17.53 48.89 -50.62
N GLN A 280 17.81 47.92 -51.46
CA GLN A 280 16.77 47.14 -52.11
C GLN A 280 16.65 45.83 -51.35
N TYR A 281 15.44 45.48 -50.94
CA TYR A 281 15.24 44.27 -50.16
C TYR A 281 15.02 43.04 -51.01
N MET A 282 15.80 42.00 -50.75
CA MET A 282 15.72 40.77 -51.52
C MET A 282 15.07 39.71 -50.65
N SER A 283 14.14 38.96 -51.22
CA SER A 283 13.49 37.90 -50.47
C SER A 283 14.29 36.61 -50.61
N LYS A 284 15.13 36.33 -49.63
CA LYS A 284 15.96 35.13 -49.68
C LYS A 284 15.33 33.99 -48.88
N ASN A 285 15.81 32.77 -49.14
CA ASN A 285 15.28 31.55 -48.54
C ASN A 285 16.34 31.07 -47.57
N LEU A 286 15.96 30.86 -46.31
CA LEU A 286 16.92 30.43 -45.30
C LEU A 286 16.47 29.14 -44.59
N TRP A 287 17.39 28.22 -44.38
CA TRP A 287 17.11 27.05 -43.56
C TRP A 287 18.29 26.57 -42.72
N VAL A 288 18.00 25.80 -41.68
CA VAL A 288 19.05 25.12 -40.94
C VAL A 288 19.54 23.98 -41.82
N GLU A 289 20.85 23.94 -42.04
CA GLU A 289 21.41 22.99 -42.99
C GLU A 289 22.23 21.89 -42.28
N GLN A 290 23.08 22.27 -41.34
CA GLN A 290 23.94 21.30 -40.68
C GLN A 290 24.64 21.85 -39.46
N TRP A 291 24.74 21.00 -38.44
CA TRP A 291 25.51 21.29 -37.25
C TRP A 291 26.71 20.36 -37.29
N GLN A 292 27.90 20.94 -37.13
CA GLN A 292 29.12 20.15 -37.18
C GLN A 292 30.09 20.73 -36.17
N ASP A 293 30.46 19.92 -35.19
CA ASP A 293 31.45 20.31 -34.19
C ASP A 293 31.18 21.67 -33.56
N GLY A 294 29.93 21.93 -33.21
CA GLY A 294 29.58 23.12 -32.47
C GLY A 294 29.34 24.35 -33.34
N VAL A 295 29.43 24.16 -34.65
CA VAL A 295 29.15 25.24 -35.61
C VAL A 295 27.87 24.93 -36.39
N LEU A 296 26.87 25.78 -36.23
CA LEU A 296 25.60 25.62 -36.94
C LEU A 296 25.62 26.35 -38.29
N ARG A 297 25.44 25.60 -39.37
CA ARG A 297 25.41 26.19 -40.70
C ARG A 297 23.98 26.39 -41.20
N LEU A 298 23.67 27.62 -41.63
CA LEU A 298 22.37 27.93 -42.22
C LEU A 298 22.58 28.26 -43.68
N ARG A 299 21.74 27.73 -44.55
CA ARG A 299 21.81 28.08 -45.97
C ARG A 299 21.01 29.35 -46.22
N VAL A 300 21.52 30.21 -47.09
CA VAL A 300 20.81 31.45 -47.46
C VAL A 300 20.91 31.62 -48.97
N GLU A 301 19.83 31.35 -49.69
CA GLU A 301 19.86 31.44 -51.14
C GLU A 301 18.54 31.88 -51.75
N GLY A 302 18.56 32.10 -53.06
CA GLY A 302 17.36 32.44 -53.80
C GLY A 302 17.00 33.92 -53.77
N GLY A 303 15.98 34.29 -54.54
CA GLY A 303 15.46 35.64 -54.54
C GLY A 303 16.15 36.59 -55.48
N GLY A 304 17.07 36.07 -56.29
CA GLY A 304 17.86 36.94 -57.16
C GLY A 304 18.83 37.81 -56.38
N SER A 305 19.60 38.63 -57.10
CA SER A 305 20.58 39.49 -56.46
C SER A 305 20.83 40.74 -57.29
N ILE A 306 21.51 41.71 -56.69
CA ILE A 306 21.98 42.89 -57.40
C ILE A 306 23.40 43.16 -56.99
N THR A 307 24.02 44.10 -57.69
CA THR A 307 25.33 44.62 -57.33
C THR A 307 25.21 45.41 -56.04
N HIS A 308 26.04 45.08 -55.06
CA HIS A 308 25.97 45.71 -53.74
C HIS A 308 27.26 45.50 -52.97
N SER A 309 27.48 46.35 -51.97
CA SER A 309 28.64 46.22 -51.11
C SER A 309 28.25 45.97 -49.64
N ASN A 310 27.02 46.31 -49.27
CA ASN A 310 26.57 46.19 -47.88
C ASN A 310 25.25 45.44 -47.80
N SER A 311 25.04 44.75 -46.69
CA SER A 311 23.81 43.97 -46.49
C SER A 311 23.21 44.30 -45.13
N LYS A 312 21.89 44.45 -45.09
CA LYS A 312 21.21 44.72 -43.83
C LYS A 312 20.31 43.52 -43.52
N TRP A 313 20.66 42.79 -42.47
CA TRP A 313 19.95 41.57 -42.15
C TRP A 313 18.89 41.83 -41.09
N PRO A 314 17.74 41.16 -41.21
CA PRO A 314 16.66 41.33 -40.24
C PRO A 314 16.96 40.50 -39.00
N ALA A 315 16.29 40.74 -37.89
CA ALA A 315 16.28 39.79 -36.79
C ALA A 315 15.71 38.46 -37.31
N MET A 316 16.38 37.36 -36.98
CA MET A 316 15.94 36.03 -37.39
C MET A 316 15.98 35.06 -36.21
N THR A 317 14.88 34.40 -35.95
CA THR A 317 14.89 33.32 -34.96
C THR A 317 15.07 31.98 -35.65
N VAL A 318 15.97 31.18 -35.12
CA VAL A 318 16.37 29.92 -35.73
C VAL A 318 16.10 28.79 -34.73
N SER A 319 15.25 27.82 -35.11
CA SER A 319 14.80 26.78 -34.20
C SER A 319 15.02 25.40 -34.79
N TYR A 320 15.23 24.42 -33.92
CA TYR A 320 15.36 23.04 -34.38
C TYR A 320 15.26 22.09 -33.20
N PRO A 321 14.92 20.82 -33.46
CA PRO A 321 14.83 19.88 -32.34
C PRO A 321 16.22 19.63 -31.74
N ARG A 322 16.28 19.60 -30.42
CA ARG A 322 17.55 19.51 -29.69
C ARG A 322 17.89 18.08 -29.26
N SER A 323 19.17 17.76 -29.32
CA SER A 323 19.67 16.45 -28.89
C SER A 323 19.46 16.17 -27.40
N PHE A 324 19.19 14.90 -27.06
CA PHE A 324 19.02 14.53 -25.65
C PHE A 324 19.71 13.21 -25.35
N THR A 325 19.90 12.91 -24.07
CA THR A 325 20.44 11.62 -23.64
C THR A 325 19.33 10.65 -23.29
N SER B 31 -15.18 -69.92 110.30
CA SER B 31 -15.86 -68.75 109.77
C SER B 31 -17.17 -68.45 110.51
N GLY B 32 -17.16 -67.39 111.31
CA GLY B 32 -18.36 -66.96 112.01
C GLY B 32 -19.23 -66.08 111.14
N ARG B 33 -18.95 -66.05 109.84
CA ARG B 33 -19.68 -65.17 108.92
C ARG B 33 -21.12 -65.63 108.69
N PRO B 34 -22.07 -64.84 109.21
CA PRO B 34 -23.52 -65.13 109.22
C PRO B 34 -24.10 -65.42 107.85
N VAL B 35 -23.42 -65.02 106.78
CA VAL B 35 -23.90 -65.27 105.43
C VAL B 35 -22.73 -65.60 104.51
N LEU B 36 -22.76 -66.79 103.92
CA LEU B 36 -21.68 -67.25 103.08
C LEU B 36 -21.98 -67.07 101.59
N ASN B 37 -21.12 -66.35 100.89
CA ASN B 37 -21.25 -66.20 99.45
C ASN B 37 -20.64 -67.39 98.71
N GLN B 38 -21.33 -67.86 97.68
CA GLN B 38 -20.85 -68.98 96.89
C GLN B 38 -21.01 -68.66 95.41
N GLY B 39 -19.98 -68.94 94.62
CA GLY B 39 -20.01 -68.62 93.21
C GLY B 39 -19.92 -67.12 93.00
N VAL B 40 -20.65 -66.62 92.03
CA VAL B 40 -20.61 -65.19 91.73
C VAL B 40 -21.84 -64.53 92.30
N THR B 41 -21.65 -63.55 93.18
CA THR B 41 -22.76 -62.88 93.85
C THR B 41 -22.87 -61.41 93.50
N SER B 42 -21.89 -60.89 92.76
CA SER B 42 -21.98 -59.52 92.29
C SER B 42 -21.11 -59.36 91.06
N ALA B 43 -21.32 -58.26 90.33
CA ALA B 43 -20.57 -58.05 89.11
C ALA B 43 -20.39 -56.56 88.84
N GLY B 44 -19.30 -56.21 88.18
CA GLY B 44 -19.08 -54.83 87.76
C GLY B 44 -19.65 -54.59 86.38
N ALA B 45 -20.15 -53.38 86.13
CA ALA B 45 -20.55 -52.99 84.79
C ALA B 45 -19.41 -53.29 83.81
N PRO B 46 -19.76 -53.74 82.59
CA PRO B 46 -21.11 -53.75 82.01
C PRO B 46 -21.96 -54.97 82.35
N LEU B 47 -21.48 -55.78 83.29
CA LEU B 47 -22.23 -56.95 83.74
C LEU B 47 -23.25 -56.53 84.78
N SER B 48 -24.44 -57.10 84.73
CA SER B 48 -25.44 -56.85 85.77
C SER B 48 -26.23 -58.11 86.07
N ILE B 49 -26.71 -58.17 87.31
CA ILE B 49 -27.43 -59.31 87.83
C ILE B 49 -28.84 -58.94 88.30
N ARG B 50 -29.82 -59.71 87.81
CA ARG B 50 -31.20 -59.57 88.25
C ARG B 50 -31.81 -60.97 88.35
N ASN B 51 -32.38 -61.28 89.51
CA ASN B 51 -32.98 -62.59 89.77
C ASN B 51 -32.04 -63.74 89.40
N ASN B 52 -30.79 -63.61 89.82
CA ASN B 52 -29.77 -64.64 89.58
C ASN B 52 -29.43 -64.86 88.11
N ARG B 53 -29.79 -63.92 87.26
CA ARG B 53 -29.40 -64.00 85.86
C ARG B 53 -28.45 -62.86 85.57
N MET B 54 -27.31 -63.17 84.95
CA MET B 54 -26.39 -62.12 84.55
C MET B 54 -26.56 -61.73 83.10
N THR B 55 -26.58 -60.42 82.86
CA THR B 55 -26.64 -59.88 81.49
C THR B 55 -25.59 -58.81 81.26
N MET B 56 -25.42 -58.44 80.00
CA MET B 56 -24.45 -57.42 79.62
C MET B 56 -25.20 -56.25 79.00
N GLY B 57 -24.98 -55.04 79.50
CA GLY B 57 -25.57 -53.85 78.91
C GLY B 57 -24.73 -53.43 77.71
N LEU B 58 -25.38 -53.04 76.61
CA LEU B 58 -24.69 -52.72 75.35
C LEU B 58 -25.20 -51.43 74.76
N ASN B 59 -24.30 -50.51 74.39
CA ASN B 59 -24.70 -49.32 73.65
C ASN B 59 -24.82 -49.64 72.18
N ASP B 60 -25.44 -48.74 71.42
CA ASP B 60 -25.50 -48.92 69.98
C ASP B 60 -24.09 -49.10 69.45
N GLY B 61 -23.94 -49.97 68.46
CA GLY B 61 -22.63 -50.28 67.94
C GLY B 61 -22.22 -51.68 68.33
N LEU B 62 -22.75 -52.16 69.44
CA LEU B 62 -22.52 -53.53 69.89
C LEU B 62 -23.86 -54.27 69.88
N THR B 63 -23.87 -55.50 69.38
CA THR B 63 -25.12 -56.21 69.20
C THR B 63 -24.94 -57.72 69.36
N LEU B 64 -26.01 -58.49 69.18
CA LEU B 64 -25.96 -59.94 69.28
C LEU B 64 -26.09 -60.61 67.92
N SER B 65 -25.07 -61.34 67.52
CA SER B 65 -25.16 -62.12 66.29
C SER B 65 -25.19 -63.57 66.68
N GLY B 66 -26.40 -64.11 66.80
CA GLY B 66 -26.61 -65.45 67.33
C GLY B 66 -26.45 -65.39 68.82
N ASN B 67 -25.46 -66.10 69.34
CA ASN B 67 -25.16 -66.07 70.77
C ASN B 67 -23.92 -65.24 71.05
N ASN B 68 -23.44 -64.55 70.01
CA ASN B 68 -22.16 -63.86 70.08
C ASN B 68 -22.28 -62.35 70.11
N LEU B 69 -21.33 -61.72 70.79
CA LEU B 69 -21.20 -60.28 70.74
C LEU B 69 -20.66 -59.92 69.37
N ALA B 70 -21.23 -58.88 68.77
CA ALA B 70 -20.79 -58.46 67.45
C ALA B 70 -20.78 -56.95 67.36
N ILE B 71 -20.00 -56.44 66.42
CA ILE B 71 -20.00 -55.02 66.10
C ILE B 71 -21.09 -54.79 65.06
N ARG B 72 -22.00 -53.88 65.34
CA ARG B 72 -23.12 -53.60 64.43
C ARG B 72 -22.75 -52.48 63.46
N LEU B 73 -22.81 -52.79 62.16
CA LEU B 73 -22.47 -51.81 61.12
C LEU B 73 -23.66 -51.50 60.24
N PRO B 74 -24.52 -50.56 60.67
CA PRO B 74 -25.74 -50.23 59.91
C PRO B 74 -25.43 -49.76 58.49
N GLY B 75 -26.22 -50.22 57.53
CA GLY B 75 -26.09 -49.78 56.16
C GLY B 75 -24.77 -50.15 55.50
N ASN B 76 -24.30 -49.28 54.63
CA ASN B 76 -23.06 -49.45 53.89
C ASN B 76 -22.30 -48.14 53.87
N THR B 77 -21.32 -47.97 54.76
CA THR B 77 -20.61 -46.70 54.82
C THR B 77 -19.10 -46.85 54.68
N GLY B 78 -18.67 -48.02 54.19
CA GLY B 78 -17.25 -48.29 53.99
C GLY B 78 -16.65 -49.22 55.02
N LEU B 79 -17.41 -49.49 56.08
CA LEU B 79 -16.96 -50.39 57.14
C LEU B 79 -17.55 -51.77 56.91
N ASN B 80 -16.76 -52.80 57.16
CA ASN B 80 -17.26 -54.15 56.99
C ASN B 80 -16.55 -55.12 57.93
N ILE B 81 -17.26 -56.16 58.35
CA ILE B 81 -16.60 -57.27 59.02
C ILE B 81 -16.14 -58.29 57.98
N GLN B 82 -14.83 -58.37 57.78
CA GLN B 82 -14.25 -59.23 56.75
C GLN B 82 -12.78 -59.47 57.09
N ASN B 83 -12.17 -60.47 56.46
CA ASN B 83 -10.78 -60.83 56.76
C ASN B 83 -10.52 -61.02 58.25
N GLY B 84 -11.56 -61.40 58.99
CA GLY B 84 -11.44 -61.72 60.39
C GLY B 84 -11.64 -60.56 61.34
N GLY B 85 -12.08 -59.41 60.82
CA GLY B 85 -12.29 -58.26 61.68
C GLY B 85 -12.88 -57.01 61.05
N LEU B 86 -12.73 -55.90 61.74
CA LEU B 86 -13.27 -54.63 61.26
C LEU B 86 -12.31 -54.01 60.25
N GLN B 87 -12.78 -53.82 59.03
CA GLN B 87 -11.94 -53.22 57.99
C GLN B 87 -12.61 -52.04 57.33
N PHE B 88 -11.81 -51.13 56.80
CA PHE B 88 -12.35 -50.03 56.01
C PHE B 88 -12.18 -50.35 54.53
N ARG B 89 -13.21 -50.05 53.74
CA ARG B 89 -13.21 -50.38 52.32
C ARG B 89 -13.14 -49.12 51.45
N PHE B 90 -12.31 -49.17 50.42
CA PHE B 90 -12.10 -48.01 49.55
C PHE B 90 -11.82 -48.44 48.12
N ASN B 91 -12.22 -47.61 47.17
CA ASN B 91 -11.88 -47.85 45.78
C ASN B 91 -10.37 -47.94 45.59
N THR B 92 -9.90 -49.07 45.07
CA THR B 92 -8.47 -49.33 44.98
C THR B 92 -7.81 -48.69 43.76
N ASP B 93 -8.61 -48.00 42.95
CA ASP B 93 -8.07 -47.21 41.84
C ASP B 93 -7.88 -45.76 42.27
N GLN B 94 -8.65 -45.36 43.29
CA GLN B 94 -8.67 -43.97 43.72
C GLN B 94 -7.90 -43.73 45.01
N PHE B 95 -7.89 -44.74 45.89
CA PHE B 95 -7.26 -44.60 47.20
C PHE B 95 -6.24 -45.69 47.47
N GLN B 96 -5.33 -45.43 48.41
CA GLN B 96 -4.36 -46.42 48.86
C GLN B 96 -4.00 -46.20 50.32
N ILE B 97 -3.37 -47.19 50.94
CA ILE B 97 -3.00 -47.08 52.34
C ILE B 97 -1.50 -46.97 52.54
N VAL B 98 -1.06 -45.84 53.08
CA VAL B 98 0.34 -45.56 53.33
C VAL B 98 0.57 -45.24 54.80
N ASN B 99 1.40 -46.02 55.47
CA ASN B 99 1.58 -45.89 56.91
C ASN B 99 0.22 -45.99 57.61
N ASN B 100 -0.62 -46.89 57.11
CA ASN B 100 -1.97 -47.05 57.65
C ASN B 100 -2.75 -45.74 57.65
N ASN B 101 -2.51 -44.91 56.65
CA ASN B 101 -3.29 -43.69 56.42
C ASN B 101 -4.00 -43.77 55.08
N LEU B 102 -5.22 -43.21 55.02
CA LEU B 102 -5.94 -43.14 53.75
C LEU B 102 -5.28 -42.09 52.86
N THR B 103 -4.87 -42.50 51.66
CA THR B 103 -4.16 -41.62 50.74
C THR B 103 -4.74 -41.65 49.33
N LEU B 104 -4.84 -40.49 48.70
CA LEU B 104 -5.30 -40.41 47.33
C LEU B 104 -4.31 -41.06 46.38
N LYS B 105 -4.77 -42.00 45.58
CA LYS B 105 -3.90 -42.64 44.61
C LYS B 105 -3.49 -41.61 43.57
N THR B 106 -2.18 -41.47 43.37
CA THR B 106 -1.66 -40.39 42.53
C THR B 106 -2.13 -40.46 41.08
N THR B 107 -2.55 -41.66 40.64
CA THR B 107 -2.95 -41.86 39.26
C THR B 107 -4.25 -41.15 38.90
N VAL B 108 -5.05 -40.81 39.91
CA VAL B 108 -6.38 -40.23 39.67
C VAL B 108 -6.33 -38.79 39.14
N PHE B 109 -5.15 -38.17 39.18
CA PHE B 109 -4.96 -36.83 38.64
C PHE B 109 -4.12 -36.87 37.38
N ASP B 110 -3.69 -38.07 36.99
CA ASP B 110 -2.80 -38.24 35.86
C ASP B 110 -3.41 -37.71 34.56
N SER B 111 -4.67 -38.05 34.33
CA SER B 111 -5.38 -37.60 33.13
C SER B 111 -5.46 -36.08 33.07
N ILE B 112 -5.65 -35.45 34.24
CA ILE B 112 -5.75 -34.00 34.33
C ILE B 112 -4.38 -33.34 34.11
N ASN B 113 -3.35 -33.91 34.72
CA ASN B 113 -2.00 -33.37 34.61
C ASN B 113 -1.44 -33.45 33.20
N SER B 114 -1.90 -34.43 32.42
CA SER B 114 -1.44 -34.61 31.06
C SER B 114 -2.16 -33.66 30.10
N ARG B 115 -3.48 -33.57 30.24
CA ARG B 115 -4.28 -32.67 29.42
C ARG B 115 -3.81 -31.23 29.56
N ILE B 116 -3.51 -30.84 30.80
CA ILE B 116 -3.01 -29.50 31.07
C ILE B 116 -1.60 -29.34 30.50
N GLY B 117 -0.74 -30.32 30.75
CA GLY B 117 0.62 -30.30 30.25
C GLY B 117 0.70 -30.21 28.74
N ALA B 118 -0.24 -30.87 28.06
CA ALA B 118 -0.30 -30.86 26.61
C ALA B 118 -0.50 -29.44 26.09
N ILE B 119 -1.38 -28.69 26.75
CA ILE B 119 -1.61 -27.30 26.41
C ILE B 119 -0.38 -26.45 26.76
N GLU B 120 0.21 -26.72 27.92
CA GLU B 120 1.35 -25.96 28.41
C GLU B 120 2.54 -25.92 27.45
N GLN B 121 2.89 -27.07 26.89
CA GLN B 121 4.10 -27.18 26.07
C GLN B 121 4.07 -26.23 24.88
N SER B 122 2.88 -26.01 24.32
CA SER B 122 2.73 -25.11 23.20
C SER B 122 1.37 -24.44 23.20
N TYR B 123 1.36 -23.14 23.47
CA TYR B 123 0.16 -22.32 23.35
C TYR B 123 0.54 -20.84 23.33
N VAL B 124 -0.29 -20.03 22.67
CA VAL B 124 0.01 -18.60 22.58
C VAL B 124 -0.54 -17.85 23.80
N ALA B 125 0.38 -17.26 24.56
CA ALA B 125 0.01 -16.51 25.77
C ALA B 125 0.02 -15.01 25.51
N SER B 126 0.99 -14.56 24.73
CA SER B 126 1.14 -13.13 24.43
C SER B 126 1.46 -12.90 22.96
N ALA B 127 1.27 -11.67 22.50
CA ALA B 127 1.53 -11.33 21.11
C ALA B 127 2.33 -10.04 20.98
N VAL B 128 3.06 -9.90 19.88
CA VAL B 128 3.86 -8.71 19.63
C VAL B 128 3.33 -7.96 18.41
N THR B 129 3.10 -6.66 18.55
CA THR B 129 2.59 -5.84 17.46
C THR B 129 3.31 -6.16 16.15
N PRO B 130 2.59 -6.08 15.02
CA PRO B 130 1.18 -5.64 14.91
C PRO B 130 0.17 -6.68 15.40
N LEU B 131 0.64 -7.81 15.92
CA LEU B 131 -0.26 -8.81 16.47
C LEU B 131 -0.79 -8.35 17.84
N ARG B 132 -2.10 -8.43 18.01
CA ARG B 132 -2.73 -7.89 19.21
C ARG B 132 -3.69 -8.89 19.86
N LEU B 133 -3.42 -9.22 21.13
CA LEU B 133 -4.23 -10.17 21.87
C LEU B 133 -4.94 -9.52 23.05
N ASN B 134 -6.27 -9.57 23.02
CA ASN B 134 -7.08 -9.14 24.15
C ASN B 134 -7.15 -10.25 25.20
N SER B 135 -6.38 -10.11 26.28
CA SER B 135 -6.30 -11.16 27.29
C SER B 135 -7.63 -11.45 27.99
N SER B 136 -8.61 -10.55 27.82
CA SER B 136 -9.89 -10.70 28.51
C SER B 136 -10.99 -11.29 27.63
N THR B 137 -10.74 -11.36 26.32
CA THR B 137 -11.72 -11.92 25.40
C THR B 137 -11.11 -13.07 24.62
N LYS B 138 -9.81 -13.27 24.80
CA LYS B 138 -9.08 -14.35 24.12
C LYS B 138 -9.11 -14.18 22.61
N VAL B 139 -9.27 -12.94 22.15
CA VAL B 139 -9.36 -12.63 20.73
C VAL B 139 -8.05 -12.10 20.16
N LEU B 140 -7.58 -12.71 19.08
CA LEU B 140 -6.37 -12.29 18.41
C LEU B 140 -6.72 -11.58 17.10
N ASP B 141 -6.07 -10.44 16.86
CA ASP B 141 -6.22 -9.71 15.61
C ASP B 141 -4.93 -9.01 15.23
N MET B 142 -4.95 -8.26 14.13
CA MET B 142 -3.74 -7.58 13.67
C MET B 142 -3.99 -6.12 13.32
N LEU B 143 -3.13 -5.25 13.82
CA LEU B 143 -3.22 -3.82 13.53
C LEU B 143 -2.63 -3.50 12.16
N ILE B 144 -3.36 -2.71 11.36
CA ILE B 144 -2.88 -2.32 10.04
C ILE B 144 -3.18 -0.86 9.72
N ASP B 145 -2.39 -0.28 8.83
CA ASP B 145 -2.66 1.05 8.30
C ASP B 145 -3.77 0.97 7.27
N SER B 146 -4.88 1.67 7.53
CA SER B 146 -6.04 1.62 6.65
C SER B 146 -5.77 2.26 5.28
N SER B 147 -4.71 3.07 5.19
CA SER B 147 -4.40 3.76 3.95
C SER B 147 -3.51 2.95 3.03
N THR B 148 -2.70 2.07 3.61
CA THR B 148 -1.74 1.28 2.82
C THR B 148 -2.11 -0.20 2.73
N LEU B 149 -2.99 -0.65 3.63
CA LEU B 149 -3.39 -2.05 3.67
C LEU B 149 -4.88 -2.20 3.95
N GLU B 150 -5.47 -3.29 3.45
CA GLU B 150 -6.88 -3.55 3.67
C GLU B 150 -7.18 -5.04 3.78
N ILE B 151 -8.38 -5.37 4.24
CA ILE B 151 -8.84 -6.76 4.23
C ILE B 151 -9.86 -6.92 3.11
N ASN B 152 -9.49 -7.65 2.06
CA ASN B 152 -10.36 -7.81 0.90
C ASN B 152 -11.64 -8.57 1.19
N SER B 153 -12.37 -8.92 0.13
CA SER B 153 -13.65 -9.61 0.27
C SER B 153 -13.45 -11.02 0.82
N SER B 154 -12.43 -11.71 0.32
CA SER B 154 -12.16 -13.09 0.73
C SER B 154 -11.41 -13.16 2.07
N GLY B 155 -11.37 -12.04 2.79
CA GLY B 155 -10.81 -11.99 4.13
C GLY B 155 -9.29 -11.96 4.18
N GLN B 156 -8.65 -11.83 3.03
CA GLN B 156 -7.20 -11.80 2.95
C GLN B 156 -6.63 -10.42 3.23
N LEU B 157 -5.36 -10.38 3.64
CA LEU B 157 -4.64 -9.12 3.75
C LEU B 157 -4.08 -8.77 2.38
N THR B 158 -4.40 -7.59 1.90
CA THR B 158 -3.94 -7.17 0.58
C THR B 158 -3.49 -5.72 0.58
N VAL B 159 -2.57 -5.40 -0.32
CA VAL B 159 -2.08 -4.03 -0.46
C VAL B 159 -3.16 -3.15 -1.06
N ARG B 160 -3.40 -2.01 -0.42
CA ARG B 160 -4.35 -1.03 -0.91
C ARG B 160 -3.84 -0.43 -2.23
N SER B 161 -4.62 -0.59 -3.29
CA SER B 161 -4.28 0.02 -4.57
C SER B 161 -4.43 1.53 -4.45
N THR B 162 -3.33 2.26 -4.64
CA THR B 162 -3.33 3.69 -4.43
C THR B 162 -2.95 4.47 -5.68
N SER B 163 -3.65 5.59 -5.90
CA SER B 163 -3.33 6.46 -7.02
C SER B 163 -2.01 7.20 -6.76
N PRO B 164 -1.07 7.11 -7.72
CA PRO B 164 0.25 7.71 -7.57
C PRO B 164 0.15 9.23 -7.41
N ASN B 165 1.12 9.84 -6.72
CA ASN B 165 1.08 11.28 -6.50
C ASN B 165 1.62 12.04 -7.72
N LEU B 166 0.71 12.53 -8.57
CA LEU B 166 1.10 13.15 -9.85
C LEU B 166 0.96 14.68 -9.87
N ARG B 167 1.78 15.32 -10.70
CA ARG B 167 1.72 16.76 -10.91
C ARG B 167 1.57 17.10 -12.38
N TYR B 168 0.50 17.80 -12.72
CA TYR B 168 0.26 18.27 -14.09
C TYR B 168 1.55 18.87 -14.64
N PRO B 169 1.86 18.61 -15.92
CA PRO B 169 1.03 17.93 -16.93
C PRO B 169 1.10 16.41 -16.86
N ILE B 170 1.83 15.86 -15.90
CA ILE B 170 1.79 14.42 -15.69
C ILE B 170 0.47 14.12 -15.00
N ALA B 171 -0.31 13.20 -15.57
CA ALA B 171 -1.64 12.94 -15.05
C ALA B 171 -2.11 11.51 -15.25
N ASP B 172 -3.18 11.13 -14.58
CA ASP B 172 -3.76 9.81 -14.77
C ASP B 172 -4.44 9.74 -16.12
N VAL B 173 -4.08 8.73 -16.91
CA VAL B 173 -4.64 8.57 -18.24
C VAL B 173 -5.15 7.14 -18.39
N SER B 174 -6.47 7.00 -18.35
CA SER B 174 -7.11 5.69 -18.37
C SER B 174 -6.45 4.70 -17.39
N GLY B 175 -6.03 5.19 -16.24
CA GLY B 175 -5.56 4.32 -15.17
C GLY B 175 -4.06 4.22 -15.04
N GLY B 176 -3.33 4.80 -15.97
CA GLY B 176 -1.88 4.74 -15.92
C GLY B 176 -1.27 6.12 -15.77
N ILE B 177 -0.01 6.18 -15.35
CA ILE B 177 0.72 7.44 -15.31
C ILE B 177 1.03 7.91 -16.73
N GLY B 178 0.34 8.96 -17.17
CA GLY B 178 0.50 9.45 -18.53
C GLY B 178 0.69 10.96 -18.61
N MET B 179 0.55 11.49 -19.83
CA MET B 179 0.64 12.92 -20.07
C MET B 179 -0.75 13.49 -20.34
N SER B 180 -1.14 14.49 -19.57
CA SER B 180 -2.46 15.12 -19.72
C SER B 180 -2.76 15.56 -21.15
N PRO B 181 -3.88 15.05 -21.71
CA PRO B 181 -4.30 15.49 -23.04
C PRO B 181 -4.44 17.01 -23.13
N ASN B 182 -4.83 17.64 -22.03
N ASN B 182 -4.82 17.65 -22.02
CA ASN B 182 -4.99 19.09 -21.98
CA ASN B 182 -4.98 19.11 -22.00
C ASN B 182 -3.66 19.82 -22.24
C ASN B 182 -3.67 19.85 -22.19
N TYR B 183 -2.56 19.22 -21.80
CA TYR B 183 -1.24 19.80 -21.97
C TYR B 183 -0.80 19.62 -23.42
N ARG B 184 -1.13 18.47 -23.98
CA ARG B 184 -0.67 18.14 -25.32
C ARG B 184 -1.33 19.02 -26.39
N PHE B 185 -2.61 19.35 -26.19
CA PHE B 185 -3.34 20.20 -27.15
C PHE B 185 -4.58 20.82 -26.55
N ARG B 186 -4.70 22.13 -26.65
CA ARG B 186 -5.88 22.83 -26.17
C ARG B 186 -6.17 23.92 -27.18
N GLN B 187 -7.43 24.14 -27.52
CA GLN B 187 -7.74 25.18 -28.48
C GLN B 187 -8.81 26.13 -27.98
N SER B 188 -8.66 27.40 -28.33
CA SER B 188 -9.69 28.39 -28.05
C SER B 188 -9.66 29.49 -29.11
N MET B 189 -10.21 30.64 -28.75
CA MET B 189 -10.27 31.78 -29.66
C MET B 189 -10.18 33.09 -28.88
N TRP B 190 -9.58 34.09 -29.50
CA TRP B 190 -9.55 35.44 -28.96
C TRP B 190 -10.27 36.33 -29.95
N ILE B 191 -11.32 37.00 -29.50
CA ILE B 191 -11.97 37.99 -30.32
C ILE B 191 -11.66 39.34 -29.71
N GLY B 192 -10.76 40.10 -30.32
CA GLY B 192 -10.33 41.33 -29.70
C GLY B 192 -9.69 42.36 -30.59
N ILE B 193 -8.98 43.30 -29.96
CA ILE B 193 -8.49 44.47 -30.65
C ILE B 193 -6.99 44.43 -30.81
N VAL B 194 -6.56 44.57 -32.05
CA VAL B 194 -5.14 44.77 -32.36
C VAL B 194 -4.92 46.26 -32.59
N SER B 195 -3.98 46.84 -31.86
CA SER B 195 -3.73 48.27 -31.94
C SER B 195 -2.32 48.55 -32.45
N TYR B 196 -2.23 49.39 -33.48
CA TYR B 196 -0.94 49.82 -34.04
C TYR B 196 -0.54 51.19 -33.48
N SER B 197 0.73 51.31 -33.11
CA SER B 197 1.26 52.60 -32.65
C SER B 197 2.67 52.80 -33.19
N GLY B 198 2.98 54.00 -33.69
CA GLY B 198 4.29 54.24 -34.29
C GLY B 198 4.47 55.62 -34.92
N SER B 199 5.43 56.36 -34.38
CA SER B 199 5.70 57.74 -34.79
C SER B 199 4.46 58.61 -35.04
N GLY B 200 3.51 58.61 -34.10
CA GLY B 200 2.27 59.36 -34.28
C GLY B 200 1.13 58.61 -34.96
N LEU B 201 1.48 57.78 -35.94
CA LEU B 201 0.52 56.89 -36.61
C LEU B 201 -0.08 55.88 -35.63
N ASN B 202 -1.40 55.92 -35.44
CA ASN B 202 -2.08 54.91 -34.64
C ASN B 202 -3.47 54.54 -35.15
N TRP B 203 -3.92 53.34 -34.80
CA TRP B 203 -5.22 52.84 -35.21
C TRP B 203 -5.49 51.46 -34.61
N ARG B 204 -6.69 50.94 -34.82
CA ARG B 204 -7.01 49.62 -34.28
C ARG B 204 -7.97 48.83 -35.17
N VAL B 205 -7.94 47.52 -35.03
N VAL B 205 -7.94 47.52 -35.03
CA VAL B 205 -8.75 46.63 -35.85
CA VAL B 205 -8.77 46.64 -35.85
C VAL B 205 -9.25 45.48 -34.99
C VAL B 205 -9.25 45.48 -34.99
N GLN B 206 -10.48 45.03 -35.27
CA GLN B 206 -11.03 43.88 -34.58
C GLN B 206 -10.73 42.63 -35.38
N VAL B 207 -10.21 41.60 -34.72
CA VAL B 207 -9.91 40.32 -35.36
C VAL B 207 -10.48 39.14 -34.58
N ASN B 208 -10.80 38.05 -35.28
CA ASN B 208 -11.11 36.78 -34.62
C ASN B 208 -9.93 35.87 -34.84
N SER B 209 -9.36 35.37 -33.75
CA SER B 209 -8.13 34.64 -33.85
C SER B 209 -8.21 33.30 -33.12
N ASP B 210 -7.92 32.21 -33.82
CA ASP B 210 -7.74 30.93 -33.14
C ASP B 210 -6.56 30.98 -32.20
N ILE B 211 -6.69 30.31 -31.06
CA ILE B 211 -5.57 30.12 -30.17
C ILE B 211 -5.34 28.63 -29.93
N PHE B 212 -4.08 28.20 -30.08
CA PHE B 212 -3.75 26.80 -29.82
C PHE B 212 -2.65 26.76 -28.80
N ILE B 213 -2.84 25.96 -27.77
CA ILE B 213 -1.78 25.74 -26.79
C ILE B 213 -1.30 24.31 -26.95
N VAL B 214 0.00 24.15 -27.21
CA VAL B 214 0.60 22.85 -27.47
C VAL B 214 1.86 22.67 -26.64
N ASP B 215 1.86 21.65 -25.78
CA ASP B 215 2.97 21.48 -24.84
C ASP B 215 3.26 22.83 -24.21
N ASP B 216 4.53 23.23 -24.16
CA ASP B 216 4.83 24.49 -23.49
C ASP B 216 4.76 25.75 -24.36
N TYR B 217 4.04 25.67 -25.49
CA TYR B 217 3.91 26.78 -26.42
C TYR B 217 2.48 27.29 -26.58
N ILE B 218 2.34 28.59 -26.80
CA ILE B 218 1.06 29.15 -27.21
C ILE B 218 1.21 29.72 -28.63
N HIS B 219 0.23 29.44 -29.49
CA HIS B 219 0.20 29.95 -30.86
C HIS B 219 -1.03 30.82 -31.06
N ILE B 220 -0.82 32.05 -31.51
CA ILE B 220 -1.93 32.94 -31.82
C ILE B 220 -2.03 33.09 -33.34
N CYS B 221 -3.14 32.62 -33.91
CA CYS B 221 -3.26 32.62 -35.36
C CYS B 221 -4.09 33.80 -35.85
N LEU B 222 -3.43 34.95 -35.98
CA LEU B 222 -4.11 36.16 -36.48
C LEU B 222 -4.56 35.96 -37.92
N PRO B 223 -5.78 36.43 -38.25
CA PRO B 223 -6.15 36.34 -39.66
C PRO B 223 -5.63 37.57 -40.38
N ALA B 224 -5.68 37.54 -41.72
CA ALA B 224 -5.39 38.71 -42.51
C ALA B 224 -6.30 39.85 -42.05
N PHE B 225 -5.79 41.07 -42.10
CA PHE B 225 -6.63 42.23 -41.81
C PHE B 225 -6.06 43.48 -42.50
N ASP B 226 -6.83 44.55 -42.50
CA ASP B 226 -6.49 45.82 -43.14
C ASP B 226 -6.33 46.91 -42.06
N GLY B 227 -5.35 47.78 -42.24
CA GLY B 227 -5.11 48.84 -41.28
C GLY B 227 -4.80 50.12 -41.99
N PHE B 228 -4.28 51.08 -41.25
CA PHE B 228 -3.97 52.35 -41.87
C PHE B 228 -2.46 52.58 -41.95
N SER B 229 -2.04 53.84 -41.94
N SER B 229 -2.05 53.84 -41.93
CA SER B 229 -0.62 54.15 -42.12
CA SER B 229 -0.64 54.20 -42.04
C SER B 229 0.25 53.58 -41.01
C SER B 229 0.21 53.48 -40.99
N ILE B 230 1.35 52.96 -41.42
CA ILE B 230 2.35 52.46 -40.47
C ILE B 230 3.66 53.26 -40.62
N ALA B 231 4.47 53.28 -39.57
CA ALA B 231 5.78 53.93 -39.63
C ALA B 231 6.87 52.92 -40.01
N ASP B 232 8.08 53.39 -40.22
CA ASP B 232 9.19 52.47 -40.53
C ASP B 232 9.36 51.47 -39.39
N GLY B 233 9.28 51.95 -38.16
CA GLY B 233 9.29 51.08 -36.99
C GLY B 233 8.11 51.36 -36.09
N GLY B 234 7.46 50.32 -35.60
CA GLY B 234 6.26 50.50 -34.81
C GLY B 234 5.89 49.26 -34.02
N ASP B 235 4.77 49.35 -33.31
CA ASP B 235 4.30 48.28 -32.44
C ASP B 235 2.86 47.87 -32.74
N LEU B 236 2.65 46.56 -32.81
CA LEU B 236 1.31 46.02 -32.94
C LEU B 236 1.00 45.35 -31.61
N SER B 237 -0.04 45.84 -30.90
CA SER B 237 -0.39 45.31 -29.58
C SER B 237 -1.69 44.50 -29.58
N LEU B 238 -1.68 43.35 -28.92
CA LEU B 238 -2.86 42.49 -28.79
C LEU B 238 -3.34 42.55 -27.35
N ASN B 239 -4.54 43.09 -27.14
CA ASN B 239 -5.10 43.24 -25.80
C ASN B 239 -5.84 41.99 -25.34
N PHE B 240 -5.16 41.14 -24.58
CA PHE B 240 -5.75 39.88 -24.13
C PHE B 240 -6.54 40.07 -22.83
N VAL B 241 -6.58 41.29 -22.32
CA VAL B 241 -7.34 41.58 -21.11
C VAL B 241 -8.82 41.27 -21.31
N THR B 242 -9.31 41.46 -22.53
CA THR B 242 -10.66 41.01 -22.86
C THR B 242 -10.62 40.21 -24.16
N GLY B 243 -11.69 39.46 -24.41
CA GLY B 243 -11.89 38.78 -25.67
C GLY B 243 -11.57 37.30 -25.70
N LEU B 244 -10.86 36.80 -24.69
CA LEU B 244 -10.50 35.38 -24.68
C LEU B 244 -11.71 34.53 -24.35
N LEU B 245 -11.92 33.46 -25.12
CA LEU B 245 -13.02 32.55 -24.85
C LEU B 245 -12.63 31.53 -23.78
N PRO B 246 -13.48 31.33 -22.77
CA PRO B 246 -13.19 30.23 -21.84
C PRO B 246 -12.90 28.95 -22.63
N PRO B 247 -12.04 28.06 -22.10
CA PRO B 247 -11.47 28.02 -20.76
C PRO B 247 -10.25 28.94 -20.56
N LEU B 248 -9.89 29.72 -21.58
CA LEU B 248 -8.71 30.56 -21.49
C LEU B 248 -8.94 31.82 -20.68
N LEU B 249 -7.91 32.22 -19.94
CA LEU B 249 -7.93 33.49 -19.24
C LEU B 249 -6.70 34.31 -19.66
N THR B 250 -6.75 35.60 -19.39
CA THR B 250 -5.67 36.51 -19.76
C THR B 250 -4.27 35.99 -19.36
N GLY B 251 -4.18 35.46 -18.14
CA GLY B 251 -2.91 34.98 -17.62
C GLY B 251 -2.36 33.82 -18.42
N ASP B 252 -3.23 33.13 -19.14
CA ASP B 252 -2.80 32.00 -19.95
C ASP B 252 -1.96 32.43 -21.14
N THR B 253 -1.90 33.73 -21.42
CA THR B 253 -1.12 34.20 -22.57
C THR B 253 0.24 34.76 -22.14
N GLU B 254 0.54 34.71 -20.85
CA GLU B 254 1.82 35.20 -20.38
C GLU B 254 2.97 34.30 -20.86
N PRO B 255 4.04 34.90 -21.40
CA PRO B 255 5.16 34.12 -21.92
C PRO B 255 5.93 33.51 -20.76
N ALA B 256 6.70 32.46 -21.04
CA ALA B 256 7.53 31.85 -20.01
C ALA B 256 8.64 32.81 -19.59
N PHE B 257 8.95 33.80 -20.43
CA PHE B 257 9.93 34.83 -20.03
C PHE B 257 9.24 36.05 -19.38
N HIS B 258 7.98 35.86 -19.00
CA HIS B 258 7.21 36.88 -18.30
C HIS B 258 7.18 38.24 -18.98
N ASN B 259 7.58 39.31 -18.30
CA ASN B 259 7.54 40.60 -18.99
C ASN B 259 8.90 41.12 -19.49
N ASP B 260 9.86 40.21 -19.68
CA ASP B 260 11.14 40.60 -20.27
C ASP B 260 10.89 41.13 -21.67
N VAL B 261 11.75 42.06 -22.08
CA VAL B 261 11.79 42.52 -23.45
C VAL B 261 12.68 41.55 -24.23
N VAL B 262 12.16 40.99 -25.32
CA VAL B 262 12.90 40.01 -26.10
C VAL B 262 12.82 40.28 -27.61
N THR B 263 13.50 39.45 -28.38
CA THR B 263 13.38 39.52 -29.84
C THR B 263 13.00 38.11 -30.30
N TYR B 264 11.83 37.65 -29.87
CA TYR B 264 11.46 36.24 -30.02
C TYR B 264 10.65 35.92 -31.27
N GLY B 265 11.05 34.88 -31.99
CA GLY B 265 10.27 34.43 -33.13
C GLY B 265 10.32 35.40 -34.30
N ALA B 266 11.44 36.11 -34.46
CA ALA B 266 11.54 37.12 -35.52
C ALA B 266 11.36 36.51 -36.91
N GLN B 267 10.54 37.19 -37.71
CA GLN B 267 10.16 36.67 -39.02
C GLN B 267 9.94 37.78 -40.05
N THR B 268 9.79 37.41 -41.31
CA THR B 268 9.45 38.36 -42.35
C THR B 268 7.96 38.38 -42.58
N VAL B 269 7.37 39.57 -42.64
CA VAL B 269 5.96 39.70 -43.00
C VAL B 269 5.79 40.76 -44.05
N ALA B 270 5.13 40.39 -45.15
CA ALA B 270 4.92 41.29 -46.27
C ALA B 270 3.61 42.07 -46.12
N ILE B 271 3.73 43.38 -46.03
CA ILE B 271 2.57 44.24 -45.84
C ILE B 271 2.38 45.14 -47.04
N GLY B 272 1.18 45.12 -47.61
CA GLY B 272 0.86 45.92 -48.78
C GLY B 272 0.46 47.35 -48.44
N LEU B 273 1.26 48.30 -48.91
CA LEU B 273 1.00 49.70 -48.62
C LEU B 273 0.42 50.39 -49.85
N SER B 274 -0.59 51.21 -49.62
CA SER B 274 -1.18 51.93 -50.75
C SER B 274 -1.91 53.17 -50.31
N SER B 275 -2.36 53.92 -51.31
CA SER B 275 -3.22 55.07 -51.09
C SER B 275 -4.43 54.92 -52.01
N GLY B 276 -4.98 53.71 -52.06
CA GLY B 276 -6.14 53.42 -52.89
C GLY B 276 -5.80 52.70 -54.18
N GLY B 277 -4.64 52.99 -54.75
CA GLY B 277 -4.19 52.33 -55.96
C GLY B 277 -3.54 50.98 -55.68
N THR B 278 -2.64 50.56 -56.58
CA THR B 278 -1.98 49.28 -56.45
C THR B 278 -1.05 49.22 -55.24
N PRO B 279 -1.24 48.21 -54.38
CA PRO B 279 -0.39 48.02 -53.20
C PRO B 279 1.05 47.76 -53.60
N GLN B 280 1.98 48.29 -52.81
CA GLN B 280 3.38 47.91 -52.93
C GLN B 280 3.70 47.17 -51.65
N TYR B 281 4.26 45.97 -51.80
CA TYR B 281 4.44 45.10 -50.65
C TYR B 281 5.82 45.31 -50.04
N MET B 282 5.84 45.62 -48.75
CA MET B 282 7.07 45.87 -48.03
C MET B 282 7.35 44.66 -47.17
N SER B 283 8.60 44.20 -47.24
CA SER B 283 9.03 43.11 -46.42
C SER B 283 9.45 43.62 -45.06
N LYS B 284 8.57 43.50 -44.08
CA LYS B 284 8.89 43.99 -42.74
C LYS B 284 9.36 42.85 -41.84
N ASN B 285 9.83 43.22 -40.65
CA ASN B 285 10.46 42.28 -39.74
C ASN B 285 9.60 42.34 -38.50
N LEU B 286 9.00 41.22 -38.13
CA LEU B 286 8.12 41.16 -36.97
C LEU B 286 8.66 40.22 -35.91
N TRP B 287 8.59 40.63 -34.66
CA TRP B 287 8.88 39.69 -33.58
C TRP B 287 8.05 39.93 -32.34
N VAL B 288 7.96 38.91 -31.49
CA VAL B 288 7.40 39.07 -30.16
C VAL B 288 8.39 39.83 -29.30
N GLU B 289 7.98 40.99 -28.80
CA GLU B 289 8.91 41.82 -28.03
C GLU B 289 8.62 41.90 -26.53
N GLN B 290 7.37 42.07 -26.14
CA GLN B 290 7.05 42.14 -24.72
C GLN B 290 5.58 41.92 -24.42
N TRP B 291 5.32 41.21 -23.34
CA TRP B 291 3.97 40.99 -22.81
C TRP B 291 3.91 41.72 -21.51
N GLN B 292 2.92 42.58 -21.36
CA GLN B 292 2.81 43.30 -20.11
C GLN B 292 1.35 43.49 -19.74
N ASP B 293 0.98 43.02 -18.56
CA ASP B 293 -0.36 43.20 -18.02
C ASP B 293 -1.46 42.72 -18.96
N GLY B 294 -1.22 41.59 -19.63
CA GLY B 294 -2.21 41.02 -20.54
C GLY B 294 -2.16 41.58 -21.96
N VAL B 295 -1.19 42.43 -22.25
CA VAL B 295 -1.06 42.99 -23.58
C VAL B 295 0.23 42.51 -24.24
N LEU B 296 0.10 41.73 -25.30
CA LEU B 296 1.27 41.25 -26.04
C LEU B 296 1.67 42.23 -27.12
N ARG B 297 2.88 42.76 -27.02
CA ARG B 297 3.38 43.75 -27.97
C ARG B 297 4.35 43.14 -28.98
N LEU B 298 4.01 43.28 -30.26
CA LEU B 298 4.86 42.81 -31.35
C LEU B 298 5.56 44.01 -31.96
N ARG B 299 6.84 43.86 -32.26
CA ARG B 299 7.60 44.90 -32.94
C ARG B 299 7.52 44.66 -34.46
N VAL B 300 7.27 45.71 -35.21
CA VAL B 300 7.19 45.62 -36.67
C VAL B 300 8.03 46.75 -37.24
N GLU B 301 9.15 46.39 -37.84
CA GLU B 301 10.06 47.39 -38.40
C GLU B 301 10.84 46.91 -39.63
N GLY B 302 11.64 47.80 -40.19
CA GLY B 302 12.52 47.47 -41.30
C GLY B 302 11.83 47.37 -42.65
N GLY B 303 12.63 47.15 -43.68
CA GLY B 303 12.15 46.88 -45.02
C GLY B 303 11.80 48.12 -45.82
N GLY B 304 12.13 49.29 -45.29
CA GLY B 304 11.79 50.54 -45.97
C GLY B 304 10.33 50.90 -45.84
N SER B 305 9.98 52.13 -46.21
CA SER B 305 8.58 52.57 -46.18
C SER B 305 8.26 53.48 -47.37
N ILE B 306 7.00 53.84 -47.51
CA ILE B 306 6.59 54.83 -48.51
C ILE B 306 5.47 55.69 -47.94
N THR B 307 5.07 56.71 -48.69
CA THR B 307 3.92 57.51 -48.31
C THR B 307 2.68 56.71 -48.69
N HIS B 308 1.77 56.56 -47.74
CA HIS B 308 0.63 55.67 -47.92
C HIS B 308 -0.37 55.95 -46.84
N SER B 309 -1.60 55.53 -47.07
CA SER B 309 -2.67 55.75 -46.10
C SER B 309 -3.28 54.43 -45.68
N ASN B 310 -3.03 53.39 -46.46
CA ASN B 310 -3.62 52.08 -46.17
C ASN B 310 -2.59 50.98 -46.06
N SER B 311 -2.90 49.99 -45.25
CA SER B 311 -2.00 48.88 -45.05
C SER B 311 -2.77 47.56 -45.12
N LYS B 312 -2.27 46.65 -45.93
CA LYS B 312 -2.93 45.36 -46.11
C LYS B 312 -2.06 44.29 -45.44
N TRP B 313 -2.50 43.82 -44.28
CA TRP B 313 -1.67 42.90 -43.51
C TRP B 313 -1.97 41.47 -43.92
N PRO B 314 -0.95 40.60 -43.86
CA PRO B 314 -1.20 39.19 -44.18
C PRO B 314 -1.68 38.46 -42.93
N ALA B 315 -2.18 37.23 -43.09
CA ALA B 315 -2.35 36.38 -41.91
C ALA B 315 -0.97 36.10 -41.30
N MET B 316 -0.87 36.22 -39.98
CA MET B 316 0.40 36.01 -39.25
C MET B 316 0.15 35.15 -38.01
N THR B 317 0.90 34.06 -37.89
CA THR B 317 0.87 33.25 -36.69
C THR B 317 2.01 33.67 -35.76
N VAL B 318 1.67 33.93 -34.52
CA VAL B 318 2.62 34.38 -33.52
C VAL B 318 2.70 33.34 -32.40
N SER B 319 3.90 32.84 -32.14
CA SER B 319 4.09 31.81 -31.10
C SER B 319 5.15 32.20 -30.10
N TYR B 320 5.04 31.66 -28.89
CA TYR B 320 6.10 31.78 -27.89
C TYR B 320 5.95 30.75 -26.78
N PRO B 321 7.01 30.55 -25.98
CA PRO B 321 6.83 29.64 -24.85
C PRO B 321 5.93 30.28 -23.80
N ARG B 322 5.07 29.45 -23.22
CA ARG B 322 4.01 29.93 -22.33
C ARG B 322 4.37 29.71 -20.86
N SER B 323 4.01 30.67 -20.02
CA SER B 323 4.28 30.57 -18.58
C SER B 323 3.57 29.37 -17.93
N PHE B 324 4.18 28.80 -16.89
CA PHE B 324 3.55 27.69 -16.18
C PHE B 324 3.67 27.79 -14.65
N THR B 325 3.05 26.83 -13.98
CA THR B 325 3.06 26.79 -12.54
C THR B 325 3.63 25.45 -12.08
N VAL C 35 -26.49 -69.49 106.34
CA VAL C 35 -27.17 -68.65 105.36
C VAL C 35 -26.35 -68.48 104.08
N LEU C 36 -26.73 -69.19 103.02
CA LEU C 36 -25.97 -69.17 101.78
C LEU C 36 -26.58 -68.34 100.65
N ASN C 37 -25.82 -67.38 100.16
CA ASN C 37 -26.16 -66.65 98.94
C ASN C 37 -25.42 -67.28 97.76
N GLN C 38 -26.13 -68.07 96.96
CA GLN C 38 -25.48 -68.89 95.93
C GLN C 38 -25.29 -68.19 94.58
N GLY C 39 -25.94 -67.05 94.42
CA GLY C 39 -25.68 -66.16 93.30
C GLY C 39 -26.18 -66.58 91.92
N VAL C 40 -25.45 -66.11 90.90
CA VAL C 40 -25.82 -66.28 89.50
C VAL C 40 -25.97 -67.75 89.12
N THR C 41 -27.07 -68.08 88.44
CA THR C 41 -27.34 -69.44 88.01
C THR C 41 -27.71 -69.49 86.54
N SER C 42 -27.89 -68.32 85.92
CA SER C 42 -28.10 -68.25 84.49
C SER C 42 -27.58 -66.94 83.92
N ALA C 43 -27.46 -66.90 82.60
CA ALA C 43 -26.91 -65.75 81.93
C ALA C 43 -27.54 -65.61 80.54
N GLY C 44 -27.65 -64.38 80.04
CA GLY C 44 -28.15 -64.17 78.69
C GLY C 44 -27.02 -63.84 77.72
N ALA C 45 -27.22 -64.19 76.45
CA ALA C 45 -26.23 -63.93 75.40
C ALA C 45 -25.74 -62.49 75.45
N PRO C 46 -24.45 -62.29 75.17
CA PRO C 46 -23.51 -63.31 74.69
C PRO C 46 -22.83 -64.11 75.81
N LEU C 47 -23.30 -63.98 77.04
CA LEU C 47 -22.79 -64.82 78.13
C LEU C 47 -23.56 -66.12 78.16
N SER C 48 -22.87 -67.21 78.48
CA SER C 48 -23.55 -68.47 78.74
C SER C 48 -22.81 -69.27 79.82
N ILE C 49 -23.56 -70.12 80.50
CA ILE C 49 -23.03 -70.91 81.59
C ILE C 49 -23.23 -72.38 81.26
N ARG C 50 -22.19 -73.16 81.54
CA ARG C 50 -22.25 -74.60 81.38
C ARG C 50 -21.39 -75.21 82.46
N ASN C 51 -21.97 -76.08 83.26
CA ASN C 51 -21.23 -76.82 84.27
C ASN C 51 -20.37 -75.84 85.09
N ASN C 52 -21.04 -74.81 85.58
CA ASN C 52 -20.47 -73.84 86.51
C ASN C 52 -19.43 -72.92 85.91
N ARG C 53 -19.31 -72.91 84.59
CA ARG C 53 -18.37 -72.01 83.94
C ARG C 53 -19.08 -71.05 83.01
N MET C 54 -18.78 -69.76 83.18
CA MET C 54 -19.34 -68.75 82.28
C MET C 54 -18.34 -68.39 81.21
N THR C 55 -18.82 -68.32 79.96
CA THR C 55 -17.99 -67.88 78.84
C THR C 55 -18.76 -66.84 78.03
N MET C 56 -18.03 -66.05 77.25
CA MET C 56 -18.61 -65.02 76.41
C MET C 56 -18.31 -65.36 74.95
N GLY C 57 -19.32 -65.40 74.10
CA GLY C 57 -19.10 -65.66 72.69
C GLY C 57 -18.78 -64.38 71.92
N LEU C 58 -17.90 -64.49 70.93
CA LEU C 58 -17.42 -63.33 70.15
C LEU C 58 -17.45 -63.56 68.64
N ASN C 59 -17.97 -62.60 67.89
CA ASN C 59 -17.84 -62.64 66.44
C ASN C 59 -16.52 -61.99 66.01
N ASP C 60 -16.13 -62.25 64.76
CA ASP C 60 -15.02 -61.54 64.14
C ASP C 60 -15.24 -60.04 64.34
N GLY C 61 -14.17 -59.33 64.68
CA GLY C 61 -14.28 -57.93 65.00
C GLY C 61 -13.98 -57.74 66.47
N LEU C 62 -14.33 -58.76 67.26
CA LEU C 62 -14.04 -58.75 68.68
C LEU C 62 -13.13 -59.90 69.01
N THR C 63 -12.06 -59.60 69.74
CA THR C 63 -11.08 -60.60 70.09
C THR C 63 -10.45 -60.33 71.46
N LEU C 64 -9.61 -61.26 71.91
CA LEU C 64 -8.92 -61.13 73.18
C LEU C 64 -7.49 -60.66 73.01
N SER C 65 -7.14 -59.57 73.70
CA SER C 65 -5.77 -59.08 73.73
C SER C 65 -5.22 -59.42 75.09
N GLY C 66 -4.74 -60.66 75.23
CA GLY C 66 -4.42 -61.21 76.52
C GLY C 66 -5.72 -61.67 77.15
N ASN C 67 -6.08 -61.05 78.28
CA ASN C 67 -7.34 -61.36 78.92
C ASN C 67 -8.34 -60.22 78.82
N ASN C 68 -8.03 -59.19 78.02
CA ASN C 68 -8.96 -58.09 77.81
C ASN C 68 -9.74 -58.25 76.50
N LEU C 69 -10.95 -57.71 76.48
CA LEU C 69 -11.73 -57.69 75.25
C LEU C 69 -11.19 -56.54 74.38
N ALA C 70 -11.00 -56.82 73.09
CA ALA C 70 -10.46 -55.82 72.17
C ALA C 70 -11.21 -55.82 70.84
N ILE C 71 -11.05 -54.73 70.09
CA ILE C 71 -11.55 -54.64 68.73
C ILE C 71 -10.48 -55.14 67.76
N ARG C 72 -10.88 -56.01 66.83
CA ARG C 72 -9.92 -56.58 65.88
C ARG C 72 -9.86 -55.79 64.58
N LEU C 73 -8.66 -55.32 64.24
CA LEU C 73 -8.45 -54.58 63.00
C LEU C 73 -7.36 -55.26 62.16
N PRO C 74 -7.76 -56.26 61.35
CA PRO C 74 -6.78 -57.00 60.56
C PRO C 74 -6.15 -56.11 59.48
N GLY C 75 -4.83 -56.22 59.30
CA GLY C 75 -4.15 -55.52 58.23
C GLY C 75 -3.92 -54.05 58.48
N ASN C 76 -4.09 -53.25 57.42
CA ASN C 76 -3.92 -51.80 57.50
C ASN C 76 -4.88 -51.13 56.54
N THR C 77 -6.06 -50.78 57.04
CA THR C 77 -7.08 -50.19 56.17
C THR C 77 -7.49 -48.80 56.61
N GLY C 78 -6.65 -48.17 57.43
CA GLY C 78 -6.93 -46.82 57.90
C GLY C 78 -7.44 -46.77 59.33
N LEU C 79 -7.89 -47.90 59.85
CA LEU C 79 -8.35 -47.95 61.24
C LEU C 79 -7.20 -48.30 62.20
N ASN C 80 -7.30 -47.79 63.42
CA ASN C 80 -6.26 -48.06 64.41
C ASN C 80 -6.72 -47.79 65.84
N ILE C 81 -6.19 -48.57 66.79
CA ILE C 81 -6.38 -48.28 68.19
C ILE C 81 -5.28 -47.31 68.63
N GLN C 82 -5.68 -46.10 69.01
CA GLN C 82 -4.74 -45.02 69.29
C GLN C 82 -5.49 -43.88 69.94
N ASN C 83 -4.79 -43.10 70.78
CA ASN C 83 -5.40 -41.96 71.47
C ASN C 83 -6.56 -42.34 72.39
N GLY C 84 -6.59 -43.60 72.80
CA GLY C 84 -7.57 -44.06 73.77
C GLY C 84 -8.67 -44.93 73.18
N GLY C 85 -8.73 -45.02 71.86
CA GLY C 85 -9.80 -45.79 71.24
C GLY C 85 -9.68 -46.04 69.75
N LEU C 86 -10.83 -46.23 69.11
CA LEU C 86 -10.88 -46.50 67.69
C LEU C 86 -10.88 -45.20 66.89
N GLN C 87 -9.92 -45.07 65.98
CA GLN C 87 -9.79 -43.89 65.15
C GLN C 87 -9.55 -44.25 63.68
N PHE C 88 -9.99 -43.37 62.78
CA PHE C 88 -9.67 -43.50 61.36
C PHE C 88 -8.50 -42.58 61.01
N ARG C 89 -7.54 -43.11 60.25
CA ARG C 89 -6.31 -42.40 59.93
C ARG C 89 -6.27 -41.94 58.48
N PHE C 90 -5.74 -40.75 58.23
CA PHE C 90 -5.78 -40.17 56.88
C PHE C 90 -4.61 -39.21 56.60
N ASN C 91 -4.14 -39.22 55.35
CA ASN C 91 -3.11 -38.28 54.93
C ASN C 91 -3.57 -36.86 55.22
N THR C 92 -2.84 -36.16 56.09
CA THR C 92 -3.26 -34.85 56.56
C THR C 92 -2.96 -33.73 55.57
N ASP C 93 -2.35 -34.08 54.45
CA ASP C 93 -2.13 -33.12 53.36
C ASP C 93 -3.24 -33.21 52.33
N GLN C 94 -3.98 -34.31 52.35
CA GLN C 94 -5.00 -34.55 51.35
C GLN C 94 -6.42 -34.46 51.92
N PHE C 95 -6.56 -34.88 53.18
CA PHE C 95 -7.87 -34.91 53.83
C PHE C 95 -7.91 -34.09 55.10
N GLN C 96 -9.11 -33.65 55.49
CA GLN C 96 -9.34 -33.04 56.79
C GLN C 96 -10.69 -33.51 57.33
N ILE C 97 -10.92 -33.29 58.61
CA ILE C 97 -12.20 -33.63 59.21
C ILE C 97 -13.01 -32.36 59.45
N VAL C 98 -14.19 -32.30 58.84
CA VAL C 98 -15.09 -31.17 59.03
C VAL C 98 -16.45 -31.71 59.46
N ASN C 99 -16.96 -31.23 60.58
CA ASN C 99 -18.21 -31.75 61.14
C ASN C 99 -18.19 -33.27 61.28
N ASN C 100 -17.04 -33.80 61.71
CA ASN C 100 -16.81 -35.24 61.79
C ASN C 100 -17.11 -35.93 60.47
N ASN C 101 -16.80 -35.25 59.37
CA ASN C 101 -16.95 -35.80 58.02
C ASN C 101 -15.62 -35.77 57.29
N LEU C 102 -15.22 -36.92 56.74
CA LEU C 102 -14.03 -36.98 55.89
C LEU C 102 -14.22 -36.06 54.69
N THR C 103 -13.36 -35.07 54.56
CA THR C 103 -13.47 -34.15 53.43
C THR C 103 -12.12 -33.93 52.73
N LEU C 104 -12.17 -33.72 51.43
CA LEU C 104 -10.99 -33.42 50.65
C LEU C 104 -10.45 -32.04 51.04
N LYS C 105 -9.17 -31.97 51.34
CA LYS C 105 -8.51 -30.70 51.58
C LYS C 105 -8.37 -29.95 50.26
N THR C 106 -8.63 -28.64 50.27
CA THR C 106 -8.58 -27.85 49.04
C THR C 106 -7.17 -27.77 48.46
N THR C 107 -6.16 -27.81 49.33
CA THR C 107 -4.77 -27.74 48.89
C THR C 107 -4.47 -28.78 47.81
N VAL C 108 -5.22 -29.87 47.85
CA VAL C 108 -5.05 -30.97 46.90
C VAL C 108 -5.19 -30.50 45.46
N PHE C 109 -6.02 -29.49 45.23
CA PHE C 109 -6.28 -28.98 43.88
C PHE C 109 -5.55 -27.67 43.58
N ASP C 110 -4.82 -27.15 44.57
CA ASP C 110 -4.17 -25.85 44.44
C ASP C 110 -3.27 -25.75 43.21
N SER C 111 -2.50 -26.81 42.97
CA SER C 111 -1.60 -26.85 41.82
C SER C 111 -2.38 -26.86 40.50
N ILE C 112 -3.45 -27.66 40.45
CA ILE C 112 -4.29 -27.74 39.28
C ILE C 112 -4.95 -26.40 38.97
N ASN C 113 -5.47 -25.76 40.02
CA ASN C 113 -6.13 -24.46 39.87
C ASN C 113 -5.19 -23.32 39.46
N SER C 114 -3.94 -23.41 39.89
CA SER C 114 -2.94 -22.40 39.56
C SER C 114 -2.50 -22.52 38.09
N ARG C 115 -2.28 -23.74 37.65
CA ARG C 115 -1.86 -24.00 36.27
C ARG C 115 -2.94 -23.58 35.26
N ILE C 116 -4.18 -23.99 35.52
CA ILE C 116 -5.28 -23.65 34.63
C ILE C 116 -5.52 -22.14 34.64
N GLY C 117 -5.46 -21.54 35.82
CA GLY C 117 -5.64 -20.10 35.96
C GLY C 117 -4.57 -19.30 35.22
N ALA C 118 -3.36 -19.83 35.19
CA ALA C 118 -2.24 -19.17 34.52
C ALA C 118 -2.44 -19.18 33.00
N ILE C 119 -3.07 -20.23 32.49
CA ILE C 119 -3.39 -20.33 31.08
C ILE C 119 -4.59 -19.45 30.74
N GLU C 120 -5.63 -19.56 31.55
CA GLU C 120 -6.88 -18.82 31.31
C GLU C 120 -6.68 -17.31 31.22
N GLN C 121 -5.88 -16.74 32.11
CA GLN C 121 -5.71 -15.30 32.17
C GLN C 121 -5.36 -14.67 30.83
N SER C 122 -4.54 -15.36 30.03
CA SER C 122 -4.18 -14.88 28.70
C SER C 122 -3.90 -16.02 27.74
N TYR C 123 -4.75 -16.16 26.74
CA TYR C 123 -4.56 -17.17 25.69
C TYR C 123 -5.45 -16.88 24.49
N VAL C 124 -5.03 -17.32 23.31
CA VAL C 124 -5.80 -17.10 22.09
C VAL C 124 -6.86 -18.18 21.90
N ALA C 125 -8.11 -17.76 21.78
CA ALA C 125 -9.21 -18.69 21.57
C ALA C 125 -9.85 -18.48 20.19
N SER C 126 -9.75 -17.26 19.69
CA SER C 126 -10.32 -16.93 18.39
C SER C 126 -9.37 -16.03 17.60
N ALA C 127 -9.51 -16.04 16.29
CA ALA C 127 -8.66 -15.23 15.42
C ALA C 127 -9.50 -14.47 14.39
N VAL C 128 -9.26 -13.17 14.31
CA VAL C 128 -9.96 -12.31 13.35
C VAL C 128 -9.18 -12.22 12.04
N THR C 129 -9.88 -12.27 10.91
CA THR C 129 -9.23 -12.16 9.61
C THR C 129 -8.37 -10.90 9.54
N PRO C 130 -7.24 -10.98 8.81
CA PRO C 130 -6.85 -12.13 7.98
C PRO C 130 -6.22 -13.27 8.78
N LEU C 131 -6.22 -13.18 10.10
CA LEU C 131 -5.73 -14.26 10.95
C LEU C 131 -6.79 -15.35 11.05
N ARG C 132 -6.37 -16.60 10.88
CA ARG C 132 -7.32 -17.71 10.85
C ARG C 132 -6.93 -18.83 11.82
N LEU C 133 -7.88 -19.25 12.65
CA LEU C 133 -7.62 -20.33 13.61
C LEU C 133 -8.48 -21.56 13.38
N ASN C 134 -7.84 -22.66 13.00
CA ASN C 134 -8.50 -23.95 12.84
C ASN C 134 -8.58 -24.66 14.18
N SER C 135 -9.71 -24.51 14.87
CA SER C 135 -9.87 -25.01 16.24
C SER C 135 -9.66 -26.52 16.40
N SER C 136 -9.69 -27.25 15.29
CA SER C 136 -9.57 -28.71 15.35
C SER C 136 -8.14 -29.21 15.19
N THR C 137 -7.24 -28.31 14.80
CA THR C 137 -5.84 -28.66 14.63
C THR C 137 -4.94 -27.70 15.42
N LYS C 138 -5.57 -26.71 16.04
CA LYS C 138 -4.88 -25.71 16.85
C LYS C 138 -3.83 -24.98 16.03
N VAL C 139 -4.10 -24.81 14.74
CA VAL C 139 -3.16 -24.14 13.85
C VAL C 139 -3.61 -22.72 13.51
N LEU C 140 -2.72 -21.76 13.73
CA LEU C 140 -2.99 -20.37 13.38
C LEU C 140 -2.17 -19.98 12.15
N ASP C 141 -2.87 -19.58 11.09
CA ASP C 141 -2.21 -19.04 9.89
C ASP C 141 -2.89 -17.72 9.51
N MET C 142 -2.41 -17.09 8.45
CA MET C 142 -3.03 -15.85 8.00
C MET C 142 -3.33 -15.84 6.51
N LEU C 143 -4.45 -15.23 6.16
CA LEU C 143 -4.91 -15.15 4.78
C LEU C 143 -4.32 -13.94 4.07
N ILE C 144 -3.57 -14.16 2.99
CA ILE C 144 -3.02 -13.06 2.22
C ILE C 144 -3.40 -13.15 0.74
N ASP C 145 -3.63 -11.99 0.13
CA ASP C 145 -3.87 -11.89 -1.30
C ASP C 145 -2.54 -12.10 -2.03
N SER C 146 -2.47 -13.17 -2.81
CA SER C 146 -1.22 -13.56 -3.46
C SER C 146 -0.86 -12.69 -4.66
N SER C 147 -1.70 -11.70 -4.97
CA SER C 147 -1.44 -10.83 -6.12
C SER C 147 -0.57 -9.63 -5.72
N THR C 148 -0.57 -9.32 -4.42
CA THR C 148 0.17 -8.16 -3.94
C THR C 148 1.17 -8.53 -2.85
N LEU C 149 0.92 -9.66 -2.18
CA LEU C 149 1.77 -10.09 -1.08
C LEU C 149 2.27 -11.51 -1.25
N GLU C 150 3.35 -11.84 -0.56
CA GLU C 150 3.89 -13.19 -0.59
C GLU C 150 4.86 -13.44 0.57
N ILE C 151 5.23 -14.70 0.77
CA ILE C 151 6.21 -15.06 1.78
C ILE C 151 7.53 -15.40 1.09
N ASN C 152 8.59 -14.70 1.48
CA ASN C 152 9.90 -14.88 0.84
C ASN C 152 10.63 -16.14 1.28
N SER C 153 11.89 -16.27 0.87
CA SER C 153 12.68 -17.46 1.15
C SER C 153 13.09 -17.58 2.61
N SER C 154 12.98 -16.49 3.35
CA SER C 154 13.35 -16.49 4.76
C SER C 154 12.12 -16.40 5.68
N GLY C 155 10.97 -16.82 5.17
CA GLY C 155 9.75 -16.87 5.95
C GLY C 155 9.15 -15.51 6.26
N GLN C 156 9.69 -14.46 5.64
CA GLN C 156 9.20 -13.10 5.87
C GLN C 156 8.02 -12.76 4.95
N LEU C 157 7.14 -11.90 5.45
CA LEU C 157 6.04 -11.38 4.64
C LEU C 157 6.56 -10.19 3.83
N THR C 158 6.46 -10.28 2.51
CA THR C 158 6.98 -9.22 1.64
C THR C 158 5.99 -8.84 0.56
N VAL C 159 5.98 -7.56 0.19
CA VAL C 159 5.15 -7.10 -0.92
C VAL C 159 5.78 -7.47 -2.26
N ARG C 160 4.98 -8.03 -3.16
CA ARG C 160 5.45 -8.34 -4.49
C ARG C 160 6.06 -7.11 -5.14
N SER C 161 7.12 -7.30 -5.92
CA SER C 161 7.66 -6.21 -6.72
C SER C 161 6.71 -5.92 -7.86
N THR C 162 6.43 -4.65 -8.11
CA THR C 162 5.51 -4.28 -9.18
C THR C 162 6.05 -3.13 -10.03
N SER C 163 5.77 -3.19 -11.33
CA SER C 163 6.14 -2.12 -12.23
C SER C 163 5.05 -1.07 -12.29
N PRO C 164 5.45 0.21 -12.32
CA PRO C 164 4.50 1.32 -12.48
C PRO C 164 3.65 1.10 -13.72
N ASN C 165 2.40 1.52 -13.68
CA ASN C 165 1.53 1.43 -14.85
C ASN C 165 1.62 2.72 -15.69
N LEU C 166 2.26 2.63 -16.85
CA LEU C 166 2.62 3.82 -17.62
C LEU C 166 1.91 3.91 -18.97
N ARG C 167 1.58 5.13 -19.37
CA ARG C 167 0.93 5.41 -20.65
C ARG C 167 1.80 6.29 -21.53
N TYR C 168 2.16 5.79 -22.71
CA TYR C 168 2.88 6.60 -23.69
C TYR C 168 2.26 7.99 -23.74
N PRO C 169 3.09 9.05 -23.85
CA PRO C 169 4.54 9.02 -24.06
C PRO C 169 5.37 8.87 -22.79
N ILE C 170 4.72 8.65 -21.65
CA ILE C 170 5.45 8.31 -20.44
C ILE C 170 5.82 6.84 -20.57
N ALA C 171 7.07 6.50 -20.25
CA ALA C 171 7.52 5.13 -20.47
C ALA C 171 8.70 4.77 -19.58
N ASP C 172 8.98 3.47 -19.48
CA ASP C 172 10.16 3.01 -18.79
C ASP C 172 11.40 3.39 -19.60
N VAL C 173 12.28 4.19 -18.99
CA VAL C 173 13.54 4.56 -19.61
C VAL C 173 14.68 4.08 -18.72
N SER C 174 15.45 3.10 -19.21
CA SER C 174 16.52 2.49 -18.44
C SER C 174 16.16 2.29 -16.97
N GLY C 175 15.03 1.63 -16.71
CA GLY C 175 14.66 1.25 -15.36
C GLY C 175 13.76 2.20 -14.62
N GLY C 176 13.64 3.44 -15.09
CA GLY C 176 12.84 4.43 -14.39
C GLY C 176 11.66 4.97 -15.20
N ILE C 177 10.83 5.76 -14.54
CA ILE C 177 9.71 6.43 -15.19
C ILE C 177 10.24 7.65 -15.92
N GLY C 178 10.27 7.59 -17.25
CA GLY C 178 10.78 8.69 -18.04
C GLY C 178 9.87 9.06 -19.20
N MET C 179 10.42 9.84 -20.12
CA MET C 179 9.69 10.23 -21.31
C MET C 179 10.23 9.46 -22.52
N SER C 180 9.33 8.78 -23.22
CA SER C 180 9.72 7.97 -24.37
C SER C 180 10.57 8.73 -25.37
N PRO C 181 11.76 8.21 -25.69
CA PRO C 181 12.63 8.88 -26.67
C PRO C 181 11.93 9.03 -28.02
N ASN C 182 11.01 8.13 -28.32
CA ASN C 182 10.30 8.14 -29.59
C ASN C 182 9.34 9.32 -29.70
N TYR C 183 8.80 9.72 -28.57
CA TYR C 183 7.95 10.91 -28.50
C TYR C 183 8.79 12.15 -28.69
N ARG C 184 9.99 12.13 -28.11
CA ARG C 184 10.89 13.28 -28.13
C ARG C 184 11.44 13.57 -29.53
N PHE C 185 11.69 12.53 -30.31
CA PHE C 185 12.21 12.70 -31.68
C PHE C 185 12.02 11.45 -32.53
N ARG C 186 11.36 11.62 -33.66
CA ARG C 186 11.20 10.55 -34.64
C ARG C 186 11.36 11.16 -36.02
N GLN C 187 12.10 10.49 -36.89
CA GLN C 187 12.37 10.99 -38.22
C GLN C 187 11.80 10.03 -39.26
N SER C 188 11.17 10.56 -40.29
CA SER C 188 10.74 9.73 -41.41
C SER C 188 10.92 10.49 -42.72
N MET C 189 10.22 10.06 -43.76
CA MET C 189 10.44 10.63 -45.07
C MET C 189 9.21 10.45 -45.92
N TRP C 190 8.87 11.49 -46.67
CA TRP C 190 7.76 11.41 -47.61
C TRP C 190 8.29 11.64 -49.03
N ILE C 191 7.92 10.73 -49.91
CA ILE C 191 8.22 10.85 -51.33
C ILE C 191 6.90 10.83 -52.06
N GLY C 192 6.47 11.98 -52.54
CA GLY C 192 5.13 12.11 -53.08
C GLY C 192 4.89 13.37 -53.87
N ILE C 193 3.62 13.62 -54.15
CA ILE C 193 3.22 14.67 -55.06
C ILE C 193 2.67 15.87 -54.31
N VAL C 194 3.12 17.07 -54.68
CA VAL C 194 2.43 18.28 -54.27
C VAL C 194 1.65 18.78 -55.47
N SER C 195 0.40 19.16 -55.25
CA SER C 195 -0.48 19.59 -56.31
C SER C 195 -0.89 21.04 -56.10
N TYR C 196 -0.77 21.83 -57.14
CA TYR C 196 -1.27 23.19 -57.08
C TYR C 196 -2.63 23.30 -57.76
N SER C 197 -3.49 24.13 -57.20
CA SER C 197 -4.82 24.36 -57.77
C SER C 197 -5.25 25.77 -57.49
N GLY C 198 -5.54 26.53 -58.55
CA GLY C 198 -6.03 27.88 -58.38
C GLY C 198 -6.62 28.42 -59.66
N SER C 199 -7.91 28.78 -59.61
CA SER C 199 -8.57 29.44 -60.74
C SER C 199 -8.36 28.70 -62.06
N GLY C 200 -8.70 27.41 -62.07
CA GLY C 200 -8.60 26.62 -63.28
C GLY C 200 -7.19 26.20 -63.64
N LEU C 201 -6.24 26.47 -62.74
CA LEU C 201 -4.86 26.05 -62.94
C LEU C 201 -4.59 24.83 -62.06
N ASN C 202 -4.03 23.78 -62.67
CA ASN C 202 -3.72 22.54 -61.97
C ASN C 202 -2.40 21.95 -62.45
N TRP C 203 -1.55 21.55 -61.53
CA TRP C 203 -0.29 20.88 -61.87
C TRP C 203 0.33 20.14 -60.71
N ARG C 204 1.29 19.28 -61.00
CA ARG C 204 1.85 18.35 -60.02
C ARG C 204 3.37 18.30 -60.05
N VAL C 205 3.97 18.06 -58.88
CA VAL C 205 5.43 17.97 -58.77
C VAL C 205 5.79 16.90 -57.75
N GLN C 206 6.59 15.93 -58.18
CA GLN C 206 7.14 14.89 -57.30
C GLN C 206 8.27 15.49 -56.46
N VAL C 207 8.13 15.44 -55.14
CA VAL C 207 9.21 15.85 -54.24
C VAL C 207 9.54 14.80 -53.19
N ASN C 208 10.68 14.94 -52.52
CA ASN C 208 10.96 14.19 -51.32
C ASN C 208 11.13 15.16 -50.19
N SER C 209 10.82 14.75 -48.96
CA SER C 209 10.92 15.65 -47.83
C SER C 209 11.15 14.87 -46.56
N ASP C 210 12.12 15.30 -45.78
CA ASP C 210 12.27 14.74 -44.44
C ASP C 210 11.04 15.09 -43.62
N ILE C 211 10.68 14.20 -42.71
CA ILE C 211 9.58 14.47 -41.79
C ILE C 211 10.12 14.32 -40.38
N PHE C 212 9.85 15.31 -39.54
CA PHE C 212 10.31 15.23 -38.15
C PHE C 212 9.10 15.32 -37.23
N ILE C 213 8.98 14.38 -36.32
CA ILE C 213 7.96 14.44 -35.28
C ILE C 213 8.68 14.66 -33.96
N VAL C 214 8.36 15.75 -33.29
CA VAL C 214 9.05 16.15 -32.07
C VAL C 214 8.03 16.63 -31.06
N ASP C 215 7.95 15.94 -29.92
CA ASP C 215 6.90 16.19 -28.95
C ASP C 215 5.57 16.11 -29.69
N ASP C 216 4.67 17.07 -29.47
CA ASP C 216 3.36 16.98 -30.10
C ASP C 216 3.21 17.71 -31.44
N TYR C 217 4.33 18.02 -32.09
CA TYR C 217 4.30 18.65 -33.42
C TYR C 217 4.86 17.75 -34.51
N ILE C 218 4.40 17.96 -35.74
CA ILE C 218 5.02 17.35 -36.91
C ILE C 218 5.57 18.45 -37.83
N HIS C 219 6.69 18.17 -38.48
CA HIS C 219 7.33 19.12 -39.38
C HIS C 219 7.58 18.41 -40.69
N ILE C 220 7.10 19.01 -41.78
CA ILE C 220 7.30 18.43 -43.10
C ILE C 220 8.20 19.41 -43.84
N CYS C 221 9.40 18.96 -44.17
CA CYS C 221 10.40 19.86 -44.72
C CYS C 221 10.47 19.76 -46.23
N LEU C 222 9.64 20.54 -46.92
CA LEU C 222 9.65 20.56 -48.38
C LEU C 222 10.91 21.25 -48.90
N PRO C 223 11.44 20.78 -50.04
CA PRO C 223 12.56 21.44 -50.69
C PRO C 223 12.05 22.44 -51.74
N ALA C 224 12.89 23.38 -52.13
CA ALA C 224 12.63 24.23 -53.29
C ALA C 224 12.22 23.38 -54.50
N PHE C 225 11.36 23.93 -55.34
CA PHE C 225 10.94 23.23 -56.55
C PHE C 225 10.36 24.22 -57.55
N ASP C 226 10.38 23.82 -58.82
CA ASP C 226 9.74 24.59 -59.88
C ASP C 226 8.36 24.08 -60.15
N GLY C 227 7.44 25.00 -60.41
CA GLY C 227 6.10 24.65 -60.80
C GLY C 227 5.68 25.47 -62.00
N PHE C 228 4.38 25.64 -62.18
CA PHE C 228 3.87 26.31 -63.36
C PHE C 228 3.10 27.59 -62.98
N SER C 229 2.11 27.98 -63.77
CA SER C 229 1.39 29.22 -63.49
C SER C 229 0.64 29.10 -62.18
N ILE C 230 0.68 30.15 -61.38
CA ILE C 230 -0.15 30.20 -60.18
C ILE C 230 -1.17 31.34 -60.28
N ALA C 231 -2.23 31.27 -59.49
CA ALA C 231 -3.23 32.32 -59.51
C ALA C 231 -2.89 33.25 -58.37
N ASP C 232 -3.58 34.38 -58.30
CA ASP C 232 -3.41 35.29 -57.19
C ASP C 232 -3.59 34.51 -55.88
N GLY C 233 -4.63 33.68 -55.83
CA GLY C 233 -4.93 32.85 -54.67
C GLY C 233 -5.14 31.42 -55.12
N GLY C 234 -4.74 30.46 -54.30
CA GLY C 234 -4.83 29.06 -54.66
C GLY C 234 -4.34 28.16 -53.53
N ASP C 235 -4.29 26.86 -53.81
CA ASP C 235 -4.05 25.84 -52.79
C ASP C 235 -2.89 24.98 -53.22
N LEU C 236 -2.05 24.59 -52.27
CA LEU C 236 -1.02 23.60 -52.54
C LEU C 236 -1.37 22.39 -51.69
N SER C 237 -1.53 21.22 -52.32
CA SER C 237 -1.95 20.05 -51.55
C SER C 237 -0.87 18.99 -51.49
N LEU C 238 -0.63 18.45 -50.29
CA LEU C 238 0.31 17.34 -50.12
C LEU C 238 -0.47 16.03 -49.94
N ASN C 239 -0.21 15.05 -50.81
CA ASN C 239 -0.92 13.78 -50.72
C ASN C 239 -0.14 12.76 -49.90
N PHE C 240 -0.55 12.60 -48.65
CA PHE C 240 0.11 11.68 -47.72
C PHE C 240 -0.47 10.27 -47.76
N VAL C 241 -1.45 10.04 -48.63
CA VAL C 241 -2.08 8.72 -48.72
C VAL C 241 -1.08 7.68 -49.23
N THR C 242 -0.07 8.13 -49.97
CA THR C 242 1.06 7.28 -50.34
C THR C 242 2.37 8.05 -50.17
N GLY C 243 3.48 7.33 -50.13
CA GLY C 243 4.81 7.94 -50.12
C GLY C 243 5.48 8.06 -48.77
N LEU C 244 4.74 7.82 -47.70
CA LEU C 244 5.30 7.85 -46.35
C LEU C 244 6.12 6.60 -46.11
N LEU C 245 7.32 6.79 -45.55
CA LEU C 245 8.21 5.68 -45.24
C LEU C 245 7.79 5.00 -43.96
N PRO C 246 7.67 3.66 -43.99
CA PRO C 246 7.38 2.84 -42.81
C PRO C 246 8.31 3.19 -41.65
N PRO C 247 7.81 3.16 -40.41
CA PRO C 247 6.48 2.69 -40.00
C PRO C 247 5.44 3.82 -39.97
N LEU C 248 5.78 4.99 -40.48
CA LEU C 248 4.83 6.10 -40.51
C LEU C 248 3.63 5.74 -41.40
N LEU C 249 2.45 6.12 -40.94
CA LEU C 249 1.24 5.90 -41.71
C LEU C 249 0.53 7.23 -41.95
N THR C 250 -0.38 7.25 -42.92
CA THR C 250 -1.09 8.45 -43.30
C THR C 250 -1.68 9.16 -42.09
N GLY C 251 -2.36 8.40 -41.24
CA GLY C 251 -2.96 8.92 -40.02
C GLY C 251 -2.01 9.69 -39.11
N ASP C 252 -0.72 9.39 -39.19
CA ASP C 252 0.26 10.08 -38.39
C ASP C 252 0.43 11.52 -38.82
N THR C 253 -0.11 11.88 -39.99
CA THR C 253 0.01 13.25 -40.46
C THR C 253 -1.21 14.12 -40.11
N GLU C 254 -2.21 13.51 -39.49
CA GLU C 254 -3.41 14.23 -39.07
C GLU C 254 -3.12 15.27 -37.99
N PRO C 255 -3.67 16.48 -38.16
CA PRO C 255 -3.44 17.55 -37.19
C PRO C 255 -4.23 17.30 -35.91
N ALA C 256 -3.82 17.94 -34.82
CA ALA C 256 -4.56 17.82 -33.56
C ALA C 256 -5.91 18.50 -33.70
N PHE C 257 -6.03 19.41 -34.65
CA PHE C 257 -7.34 20.03 -34.91
C PHE C 257 -8.14 19.23 -35.96
N HIS C 258 -7.64 18.05 -36.29
CA HIS C 258 -8.32 17.12 -37.20
C HIS C 258 -8.62 17.72 -38.56
N ASN C 259 -9.88 17.65 -39.00
CA ASN C 259 -10.21 18.21 -40.31
C ASN C 259 -10.90 19.57 -40.29
N ASP C 260 -10.78 20.30 -39.19
CA ASP C 260 -11.32 21.66 -39.14
C ASP C 260 -10.52 22.55 -40.09
N VAL C 261 -11.14 23.63 -40.56
CA VAL C 261 -10.50 24.58 -41.46
C VAL C 261 -9.87 25.64 -40.56
N VAL C 262 -8.60 25.92 -40.76
CA VAL C 262 -7.92 26.86 -39.88
C VAL C 262 -7.04 27.83 -40.67
N THR C 263 -6.36 28.72 -39.96
CA THR C 263 -5.35 29.58 -40.56
C THR C 263 -4.06 29.45 -39.75
N TYR C 264 -3.48 28.25 -39.77
CA TYR C 264 -2.40 27.89 -38.85
C TYR C 264 -1.02 28.03 -39.49
N GLY C 265 -0.10 28.60 -38.73
CA GLY C 265 1.27 28.77 -39.17
C GLY C 265 1.39 29.70 -40.36
N ALA C 266 0.57 30.75 -40.38
CA ALA C 266 0.61 31.73 -41.47
C ALA C 266 1.97 32.40 -41.50
N GLN C 267 2.52 32.54 -42.70
CA GLN C 267 3.86 33.07 -42.87
C GLN C 267 4.00 33.63 -44.28
N THR C 268 5.10 34.33 -44.54
CA THR C 268 5.44 34.83 -45.87
C THR C 268 6.22 33.79 -46.69
N VAL C 269 5.87 33.62 -47.96
CA VAL C 269 6.73 32.87 -48.89
C VAL C 269 6.92 33.62 -50.19
N ALA C 270 8.17 33.79 -50.59
CA ALA C 270 8.50 34.45 -51.82
C ALA C 270 8.57 33.45 -52.97
N ILE C 271 7.77 33.68 -54.00
CA ILE C 271 7.72 32.80 -55.16
C ILE C 271 8.11 33.56 -56.42
N GLY C 272 9.06 33.01 -57.16
CA GLY C 272 9.57 33.63 -58.37
C GLY C 272 8.72 33.30 -59.60
N LEU C 273 8.17 34.33 -60.22
CA LEU C 273 7.33 34.16 -61.40
C LEU C 273 8.07 34.64 -62.65
N SER C 274 7.92 33.90 -63.73
CA SER C 274 8.56 34.30 -64.99
C SER C 274 7.92 33.62 -66.19
N SER C 275 8.25 34.15 -67.36
CA SER C 275 7.91 33.51 -68.62
C SER C 275 9.23 33.13 -69.28
N GLY C 276 10.09 32.45 -68.54
CA GLY C 276 11.38 32.03 -69.05
C GLY C 276 12.52 32.98 -68.70
N GLY C 277 12.21 34.26 -68.54
CA GLY C 277 13.22 35.25 -68.22
C GLY C 277 13.59 35.32 -66.74
N THR C 278 14.10 36.47 -66.32
CA THR C 278 14.49 36.68 -64.92
C THR C 278 13.27 36.74 -64.02
N PRO C 279 13.18 35.82 -63.06
CA PRO C 279 12.01 35.71 -62.18
C PRO C 279 11.77 36.99 -61.41
N GLN C 280 10.50 37.33 -61.21
CA GLN C 280 10.13 38.40 -60.30
C GLN C 280 9.52 37.74 -59.08
N TYR C 281 9.98 38.13 -57.90
CA TYR C 281 9.60 37.46 -56.67
C TYR C 281 8.39 38.12 -55.99
N MET C 282 7.31 37.37 -55.85
CA MET C 282 6.10 37.86 -55.21
C MET C 282 6.08 37.38 -53.78
N SER C 283 5.81 38.29 -52.85
CA SER C 283 5.67 37.90 -51.45
C SER C 283 4.23 37.42 -51.21
N LYS C 284 4.05 36.10 -51.18
CA LYS C 284 2.73 35.54 -50.92
C LYS C 284 2.54 35.12 -49.46
N ASN C 285 1.33 34.75 -49.09
CA ASN C 285 0.96 34.43 -47.71
C ASN C 285 0.56 32.97 -47.74
N LEU C 286 1.26 32.14 -46.96
CA LEU C 286 1.02 30.71 -46.93
C LEU C 286 0.57 30.25 -45.54
N TRP C 287 -0.41 29.35 -45.49
CA TRP C 287 -0.81 28.75 -44.22
C TRP C 287 -1.42 27.38 -44.35
N VAL C 288 -1.38 26.63 -43.26
CA VAL C 288 -2.07 25.35 -43.20
C VAL C 288 -3.56 25.62 -43.09
N GLU C 289 -4.34 25.09 -44.02
CA GLU C 289 -5.76 25.40 -44.06
C GLU C 289 -6.62 24.20 -43.64
N GLN C 290 -6.27 23.00 -44.12
CA GLN C 290 -7.10 21.83 -43.80
C GLN C 290 -6.45 20.52 -44.21
N TRP C 291 -6.62 19.51 -43.37
CA TRP C 291 -6.20 18.15 -43.66
C TRP C 291 -7.47 17.38 -43.87
N GLN C 292 -7.56 16.64 -44.97
CA GLN C 292 -8.74 15.84 -45.26
C GLN C 292 -8.32 14.54 -45.91
N ASP C 293 -8.74 13.42 -45.32
CA ASP C 293 -8.44 12.10 -45.85
C ASP C 293 -6.99 11.93 -46.32
N GLY C 294 -6.05 12.31 -45.47
CA GLY C 294 -4.63 12.12 -45.77
C GLY C 294 -4.05 13.15 -46.72
N VAL C 295 -4.84 14.15 -47.08
CA VAL C 295 -4.39 15.23 -47.95
C VAL C 295 -4.30 16.52 -47.16
N LEU C 296 -3.11 17.11 -47.11
CA LEU C 296 -2.93 18.35 -46.38
C LEU C 296 -2.99 19.53 -47.34
N ARG C 297 -3.95 20.41 -47.10
CA ARG C 297 -4.13 21.56 -47.96
C ARG C 297 -3.52 22.84 -47.38
N LEU C 298 -2.61 23.43 -48.15
CA LEU C 298 -1.99 24.71 -47.82
C LEU C 298 -2.60 25.83 -48.67
N ARG C 299 -3.10 26.88 -48.03
CA ARG C 299 -3.51 28.08 -48.76
C ARG C 299 -2.29 28.93 -49.16
N VAL C 300 -2.30 29.43 -50.40
CA VAL C 300 -1.23 30.32 -50.89
C VAL C 300 -1.83 31.51 -51.66
N GLU C 301 -1.77 32.71 -51.08
CA GLU C 301 -2.40 33.87 -51.70
C GLU C 301 -1.74 35.19 -51.30
N GLY C 302 -2.15 36.28 -51.96
CA GLY C 302 -1.67 37.60 -51.59
C GLY C 302 -0.42 38.06 -52.33
N GLY C 303 -0.08 39.34 -52.20
CA GLY C 303 1.19 39.86 -52.70
C GLY C 303 1.21 40.23 -54.16
N GLY C 304 0.06 40.10 -54.82
CA GLY C 304 -0.04 40.48 -56.22
C GLY C 304 0.42 39.39 -57.15
N SER C 305 0.33 39.66 -58.45
CA SER C 305 0.70 38.69 -59.45
C SER C 305 1.12 39.41 -60.72
N ILE C 306 1.78 38.69 -61.60
CA ILE C 306 2.09 39.18 -62.93
C ILE C 306 1.75 38.06 -63.90
N THR C 307 1.71 38.38 -65.18
CA THR C 307 1.54 37.36 -66.20
C THR C 307 2.82 36.54 -66.23
N HIS C 308 2.67 35.22 -66.28
CA HIS C 308 3.83 34.32 -66.18
C HIS C 308 3.41 32.91 -66.53
N SER C 309 4.40 32.07 -66.81
CA SER C 309 4.14 30.67 -67.15
C SER C 309 4.83 29.70 -66.18
N ASN C 310 5.82 30.20 -65.44
CA ASN C 310 6.61 29.35 -64.55
C ASN C 310 6.74 29.97 -63.18
N SER C 311 6.92 29.11 -62.17
CA SER C 311 7.06 29.56 -60.80
C SER C 311 8.26 28.88 -60.12
N LYS C 312 8.98 29.63 -59.30
CA LYS C 312 10.09 29.07 -58.58
C LYS C 312 9.75 29.12 -57.10
N TRP C 313 9.49 27.96 -56.51
CA TRP C 313 9.04 27.87 -55.15
C TRP C 313 10.23 27.69 -54.22
N PRO C 314 10.26 28.42 -53.09
CA PRO C 314 11.35 28.29 -52.13
C PRO C 314 11.16 26.99 -51.36
N ALA C 315 12.18 26.57 -50.60
CA ALA C 315 11.97 25.50 -49.65
C ALA C 315 11.06 26.02 -48.54
N MET C 316 10.13 25.18 -48.10
CA MET C 316 9.17 25.57 -47.09
C MET C 316 9.01 24.45 -46.06
N THR C 317 9.11 24.81 -44.78
CA THR C 317 8.84 23.86 -43.74
C THR C 317 7.39 24.07 -43.23
N VAL C 318 6.60 23.00 -43.24
CA VAL C 318 5.23 23.06 -42.76
C VAL C 318 5.13 22.34 -41.43
N SER C 319 4.65 23.06 -40.41
CA SER C 319 4.54 22.51 -39.06
C SER C 319 3.13 22.67 -38.49
N TYR C 320 2.70 21.69 -37.70
CA TYR C 320 1.46 21.81 -36.97
C TYR C 320 1.37 20.82 -35.81
N PRO C 321 0.54 21.13 -34.81
CA PRO C 321 0.33 20.14 -33.74
C PRO C 321 -0.34 18.90 -34.32
N ARG C 322 0.15 17.74 -33.90
CA ARG C 322 -0.23 16.48 -34.49
C ARG C 322 -1.17 15.70 -33.58
N SER C 323 -2.22 15.10 -34.14
CA SER C 323 -3.16 14.33 -33.32
C SER C 323 -2.52 13.15 -32.60
N PHE C 324 -3.17 12.70 -31.52
CA PHE C 324 -2.65 11.61 -30.69
C PHE C 324 -3.78 10.81 -30.07
N THR C 325 -3.44 9.70 -29.43
CA THR C 325 -4.43 8.86 -28.77
C THR C 325 -4.57 9.22 -27.28
#